data_6MGU
#
_entry.id   6MGU
#
_cell.length_a   86.411
_cell.length_b   86.411
_cell.length_c   90.984
_cell.angle_alpha   90.00
_cell.angle_beta   90.00
_cell.angle_gamma   90.00
#
_symmetry.space_group_name_H-M   'P 4'
#
loop_
_entity.id
_entity.type
_entity.pdbx_description
1 polymer "Inosine-5'-monophosphate dehydrogenase"
2 non-polymer '5-[(Z)-(aminomethylidene)amino]-1-(5-O-phosphono-beta-D-ribofuranosyl)-1H-imidazole-4-carboxylic acid'
3 non-polymer 'POTASSIUM ION'
4 non-polymer 1,2-ETHANEDIOL
5 non-polymer 'TRIETHYLENE GLYCOL'
6 non-polymer DI(HYDROXYETHYL)ETHER
7 water water
#
_entity_poly.entity_id   1
_entity_poly.type   'polypeptide(L)'
_entity_poly.pdbx_seq_one_letter_code
;SNAMWESKFVKEGLTFDDVLLVPAKSDVLPREVSVKTVLSESLQLNIPLISAGMDTVTEADMAIAMARQGGLGIIHKNMS
IEQQAEQVDKVKRSGGLLVGAAVGVTADAMTRIDALVKASVDAIVLDTAHGHSQGVIDKVKEVRAKYPSLNIIAGNVATA
EATKALIEAGANVVKVGIGPGSICTTRVVAGVGVPQLTAVYDCATEARKHGIPVIADGGIKYSGDMVKALAAGAHVVMLG
SMFAGVAESPGETEIYQGRQFKVYRGMGSVGAMEKGSKDRYFQEGNKKLVPEGIEGRVPYKGPLADTVHQLVGGLRAGMG
YCGAQDLEFLRENAQFIRMSGAGLLESHPHHVQITKEAPNYSL
;
_entity_poly.pdbx_strand_id   A,B
#
loop_
_chem_comp.id
_chem_comp.type
_chem_comp.name
_chem_comp.formula
EDO non-polymer 1,2-ETHANEDIOL 'C2 H6 O2'
JQS non-polymer '5-[(Z)-(aminomethylidene)amino]-1-(5-O-phosphono-beta-D-ribofuranosyl)-1H-imidazole-4-carboxylic acid' 'C10 H15 N4 O9 P'
K non-polymer 'POTASSIUM ION' 'K 1'
PEG non-polymer DI(HYDROXYETHYL)ETHER 'C4 H10 O3'
PGE non-polymer 'TRIETHYLENE GLYCOL' 'C6 H14 O4'
#
# COMPACT_ATOMS: atom_id res chain seq x y z
N SER A 1 -48.12 30.66 -17.76
CA SER A 1 -46.76 31.15 -17.59
C SER A 1 -45.91 30.79 -18.82
N ASN A 2 -44.72 31.37 -18.91
CA ASN A 2 -43.90 31.18 -20.09
C ASN A 2 -43.19 29.81 -20.03
N ALA A 3 -42.43 29.54 -21.09
CA ALA A 3 -42.05 28.17 -21.40
C ALA A 3 -41.05 27.62 -20.39
N MET A 4 -40.05 28.42 -20.01
N MET A 4 -40.05 28.42 -20.01
CA MET A 4 -39.02 27.95 -19.07
CA MET A 4 -39.03 27.93 -19.07
C MET A 4 -39.60 27.70 -17.69
C MET A 4 -39.63 27.67 -17.69
N TRP A 5 -40.59 28.49 -17.27
CA TRP A 5 -41.24 28.24 -15.99
C TRP A 5 -41.98 26.91 -16.03
N GLU A 6 -42.72 26.64 -17.11
CA GLU A 6 -43.54 25.45 -17.17
C GLU A 6 -42.75 24.17 -17.43
N SER A 7 -41.53 24.25 -17.98
CA SER A 7 -40.75 23.05 -18.27
C SER A 7 -39.87 22.58 -17.11
N LYS A 8 -39.93 23.26 -15.95
CA LYS A 8 -38.93 23.03 -14.90
C LYS A 8 -38.80 21.56 -14.53
N PHE A 9 -39.92 20.83 -14.46
CA PHE A 9 -39.88 19.47 -13.90
C PHE A 9 -40.20 18.39 -14.94
N VAL A 10 -40.13 18.75 -16.23
CA VAL A 10 -40.53 17.81 -17.27
C VAL A 10 -39.55 16.66 -17.41
N LYS A 11 -38.24 16.95 -17.33
CA LYS A 11 -37.25 15.91 -17.64
C LYS A 11 -37.18 14.84 -16.56
N GLU A 12 -36.83 13.62 -16.97
CA GLU A 12 -36.55 12.54 -16.03
C GLU A 12 -35.25 11.85 -16.43
N GLY A 13 -34.52 11.37 -15.43
CA GLY A 13 -33.23 10.76 -15.66
C GLY A 13 -33.06 9.43 -14.97
N LEU A 14 -32.19 8.60 -15.57
CA LEU A 14 -31.92 7.23 -15.11
C LEU A 14 -30.47 7.09 -14.68
N THR A 15 -30.25 6.27 -13.65
CA THR A 15 -28.93 5.85 -13.21
C THR A 15 -28.73 4.37 -13.56
N PHE A 16 -27.52 3.87 -13.29
CA PHE A 16 -27.20 2.49 -13.57
C PHE A 16 -28.18 1.53 -12.91
N ASP A 17 -28.52 1.80 -11.64
CA ASP A 17 -29.35 0.91 -10.84
C ASP A 17 -30.83 1.01 -11.19
N ASP A 18 -31.20 1.87 -12.15
CA ASP A 18 -32.56 1.94 -12.66
C ASP A 18 -32.82 1.01 -13.84
N VAL A 19 -31.81 0.31 -14.39
CA VAL A 19 -32.00 -0.42 -15.65
C VAL A 19 -31.22 -1.71 -15.63
N LEU A 20 -31.60 -2.61 -16.54
CA LEU A 20 -30.82 -3.78 -16.92
C LEU A 20 -30.69 -3.82 -18.43
N LEU A 21 -29.60 -4.42 -18.92
CA LEU A 21 -29.46 -4.68 -20.35
C LEU A 21 -30.25 -5.92 -20.76
N VAL A 22 -30.99 -5.82 -21.86
CA VAL A 22 -31.84 -6.95 -22.28
C VAL A 22 -30.97 -7.93 -23.06
N PRO A 23 -30.98 -9.22 -22.72
CA PRO A 23 -30.19 -10.19 -23.51
C PRO A 23 -30.74 -10.27 -24.93
N ALA A 24 -29.84 -10.54 -25.88
CA ALA A 24 -30.21 -10.54 -27.28
C ALA A 24 -29.61 -11.76 -27.97
N LYS A 25 -30.07 -12.04 -29.18
CA LYS A 25 -29.50 -13.13 -29.98
C LYS A 25 -27.99 -12.94 -30.08
N SER A 26 -27.25 -14.01 -29.80
CA SER A 26 -25.80 -13.90 -29.78
C SER A 26 -25.16 -15.12 -30.42
N ASP A 27 -24.16 -14.89 -31.26
CA ASP A 27 -23.27 -15.97 -31.66
C ASP A 27 -21.83 -15.63 -31.33
N VAL A 28 -21.62 -14.81 -30.30
CA VAL A 28 -20.28 -14.42 -29.90
C VAL A 28 -20.01 -14.93 -28.50
N LEU A 29 -18.78 -15.40 -28.29
CA LEU A 29 -18.23 -15.90 -27.05
C LEU A 29 -17.58 -14.76 -26.29
N PRO A 30 -17.80 -14.65 -24.96
CA PRO A 30 -17.13 -13.57 -24.22
C PRO A 30 -15.64 -13.47 -24.45
N ARG A 31 -14.93 -14.61 -24.53
CA ARG A 31 -13.49 -14.55 -24.69
C ARG A 31 -13.09 -14.01 -26.06
N GLU A 32 -14.00 -14.03 -27.03
CA GLU A 32 -13.74 -13.63 -28.40
C GLU A 32 -14.07 -12.17 -28.68
N VAL A 33 -14.86 -11.52 -27.85
CA VAL A 33 -15.27 -10.15 -28.21
C VAL A 33 -14.06 -9.23 -28.18
N SER A 34 -14.18 -8.14 -28.93
CA SER A 34 -13.18 -7.08 -28.92
C SER A 34 -13.62 -5.99 -27.98
N VAL A 35 -12.75 -5.61 -27.04
CA VAL A 35 -13.07 -4.46 -26.19
C VAL A 35 -12.16 -3.29 -26.50
N LYS A 36 -11.52 -3.30 -27.67
CA LYS A 36 -10.69 -2.19 -28.10
C LYS A 36 -11.55 -0.96 -28.42
N THR A 37 -11.00 0.21 -28.16
CA THR A 37 -11.73 1.45 -28.40
C THR A 37 -10.76 2.50 -28.92
N VAL A 38 -11.18 3.22 -29.96
CA VAL A 38 -10.35 4.24 -30.58
C VAL A 38 -10.85 5.59 -30.09
N LEU A 39 -10.09 6.23 -29.18
CA LEU A 39 -10.45 7.57 -28.77
C LEU A 39 -10.01 8.62 -29.78
N SER A 40 -8.86 8.37 -30.41
CA SER A 40 -8.47 9.10 -31.61
C SER A 40 -7.48 8.21 -32.36
N GLU A 41 -7.11 8.64 -33.56
CA GLU A 41 -6.18 7.83 -34.33
C GLU A 41 -4.86 7.66 -33.60
N SER A 42 -4.50 8.60 -32.71
CA SER A 42 -3.28 8.50 -31.92
C SER A 42 -3.54 8.13 -30.46
N LEU A 43 -4.74 7.62 -30.16
CA LEU A 43 -5.06 7.29 -28.77
C LEU A 43 -6.01 6.08 -28.80
N GLN A 44 -5.43 4.89 -29.01
CA GLN A 44 -6.19 3.65 -29.13
C GLN A 44 -5.95 2.79 -27.90
N LEU A 45 -7.03 2.41 -27.23
CA LEU A 45 -6.97 1.64 -25.99
C LEU A 45 -7.43 0.21 -26.25
N ASN A 46 -6.63 -0.76 -25.79
CA ASN A 46 -7.04 -2.16 -25.93
C ASN A 46 -8.15 -2.56 -24.96
N ILE A 47 -8.30 -1.85 -23.84
CA ILE A 47 -9.44 -2.06 -22.95
C ILE A 47 -10.04 -0.69 -22.63
N PRO A 48 -11.35 -0.61 -22.44
CA PRO A 48 -12.03 0.69 -22.35
C PRO A 48 -12.05 1.28 -20.94
N LEU A 49 -10.88 1.40 -20.31
CA LEU A 49 -10.74 1.79 -18.92
C LEU A 49 -9.71 2.91 -18.80
N ILE A 50 -10.09 4.00 -18.13
CA ILE A 50 -9.18 5.08 -17.76
C ILE A 50 -9.21 5.24 -16.24
N SER A 51 -8.04 5.35 -15.61
CA SER A 51 -8.00 5.65 -14.18
C SER A 51 -8.04 7.15 -13.95
N ALA A 52 -8.85 7.58 -12.98
CA ALA A 52 -9.15 9.00 -12.80
C ALA A 52 -7.91 9.80 -12.42
N GLY A 53 -7.91 11.06 -12.84
CA GLY A 53 -6.83 11.98 -12.50
C GLY A 53 -6.99 12.54 -11.10
N MET A 54 -6.87 11.69 -10.10
CA MET A 54 -7.08 12.04 -8.69
C MET A 54 -5.85 11.67 -7.90
N ASP A 55 -5.60 12.42 -6.83
CA ASP A 55 -4.33 12.26 -6.12
C ASP A 55 -4.33 11.04 -5.20
N THR A 56 -5.42 10.29 -5.13
CA THR A 56 -5.43 8.99 -4.50
C THR A 56 -5.68 7.87 -5.49
N VAL A 57 -5.58 8.14 -6.80
CA VAL A 57 -5.84 7.12 -7.82
C VAL A 57 -4.66 6.93 -8.77
N THR A 58 -4.17 8.02 -9.38
CA THR A 58 -3.22 7.87 -10.51
C THR A 58 -1.99 8.77 -10.39
N GLU A 59 -0.85 8.15 -10.12
CA GLU A 59 0.44 8.76 -10.45
C GLU A 59 1.17 7.83 -11.42
N ALA A 60 2.49 7.97 -11.58
CA ALA A 60 3.18 7.28 -12.67
C ALA A 60 3.02 5.76 -12.58
N ASP A 61 3.13 5.20 -11.38
CA ASP A 61 3.08 3.74 -11.25
C ASP A 61 1.73 3.20 -11.67
N MET A 62 0.65 3.91 -11.30
CA MET A 62 -0.68 3.52 -11.75
C MET A 62 -0.80 3.67 -13.27
N ALA A 63 -0.26 4.76 -13.82
CA ALA A 63 -0.41 4.97 -15.25
C ALA A 63 0.35 3.91 -16.04
N ILE A 64 1.52 3.52 -15.55
CA ILE A 64 2.27 2.44 -16.20
C ILE A 64 1.47 1.15 -16.15
N ALA A 65 0.90 0.83 -14.99
CA ALA A 65 0.17 -0.42 -14.85
C ALA A 65 -1.08 -0.42 -15.72
N MET A 66 -1.80 0.71 -15.76
CA MET A 66 -2.98 0.81 -16.61
C MET A 66 -2.63 0.61 -18.09
N ALA A 67 -1.58 1.31 -18.57
CA ALA A 67 -1.17 1.20 -19.96
C ALA A 67 -0.75 -0.23 -20.30
N ARG A 68 -0.01 -0.88 -19.41
CA ARG A 68 0.40 -2.25 -19.66
C ARG A 68 -0.81 -3.18 -19.73
N GLN A 69 -1.89 -2.84 -19.04
CA GLN A 69 -3.13 -3.61 -19.14
C GLN A 69 -3.94 -3.26 -20.38
N GLY A 70 -3.54 -2.25 -21.14
CA GLY A 70 -4.27 -1.84 -22.33
C GLY A 70 -5.14 -0.62 -22.15
N GLY A 71 -5.12 -0.02 -20.97
CA GLY A 71 -5.94 1.15 -20.71
C GLY A 71 -5.12 2.42 -20.65
N LEU A 72 -5.54 3.37 -19.82
CA LEU A 72 -4.91 4.68 -19.78
C LEU A 72 -5.00 5.24 -18.37
N GLY A 73 -3.92 5.84 -17.91
CA GLY A 73 -3.92 6.58 -16.65
C GLY A 73 -3.85 8.08 -16.91
N ILE A 74 -4.58 8.86 -16.09
CA ILE A 74 -4.48 10.32 -16.12
C ILE A 74 -3.70 10.75 -14.88
N ILE A 75 -2.50 11.29 -15.09
CA ILE A 75 -1.72 11.81 -13.98
C ILE A 75 -2.40 13.05 -13.41
N HIS A 76 -2.65 13.04 -12.10
CA HIS A 76 -3.40 14.13 -11.48
C HIS A 76 -2.58 15.42 -11.45
N LYS A 77 -3.28 16.53 -11.20
CA LYS A 77 -2.71 17.86 -11.31
C LYS A 77 -2.27 18.43 -9.97
N ASN A 78 -2.44 17.68 -8.88
CA ASN A 78 -2.11 18.19 -7.55
C ASN A 78 -0.62 18.02 -7.26
N MET A 79 0.18 18.62 -8.13
CA MET A 79 1.64 18.59 -8.06
C MET A 79 2.16 19.70 -8.97
N SER A 80 3.44 20.03 -8.79
CA SER A 80 4.02 21.08 -9.60
C SER A 80 4.06 20.67 -11.06
N ILE A 81 4.17 21.68 -11.93
CA ILE A 81 4.29 21.43 -13.37
C ILE A 81 5.50 20.54 -13.63
N GLU A 82 6.62 20.81 -12.96
N GLU A 82 6.62 20.82 -12.96
CA GLU A 82 7.82 20.02 -13.24
CA GLU A 82 7.84 20.07 -13.16
C GLU A 82 7.67 18.58 -12.79
C GLU A 82 7.65 18.59 -12.79
N GLN A 83 7.07 18.35 -11.63
CA GLN A 83 6.80 16.97 -11.22
C GLN A 83 5.82 16.23 -12.13
N GLN A 84 4.78 16.90 -12.58
CA GLN A 84 3.82 16.23 -13.47
C GLN A 84 4.49 15.85 -14.77
N ALA A 85 5.27 16.75 -15.35
CA ALA A 85 6.00 16.41 -16.57
C ALA A 85 6.97 15.27 -16.31
N GLU A 86 7.60 15.27 -15.14
CA GLU A 86 8.51 14.18 -14.79
C GLU A 86 7.77 12.85 -14.74
N GLN A 87 6.57 12.83 -14.18
CA GLN A 87 5.83 11.57 -14.12
C GLN A 87 5.38 11.15 -15.51
N VAL A 88 4.96 12.10 -16.35
CA VAL A 88 4.61 11.77 -17.73
C VAL A 88 5.80 11.16 -18.44
N ASP A 89 6.98 11.78 -18.31
CA ASP A 89 8.19 11.27 -18.95
C ASP A 89 8.53 9.87 -18.44
N LYS A 90 8.41 9.65 -17.13
CA LYS A 90 8.63 8.33 -16.57
C LYS A 90 7.78 7.27 -17.25
N VAL A 91 6.51 7.58 -17.50
CA VAL A 91 5.63 6.61 -18.15
C VAL A 91 6.04 6.40 -19.59
N LYS A 92 6.28 7.48 -20.32
CA LYS A 92 6.69 7.37 -21.71
C LYS A 92 7.93 6.51 -21.84
N ARG A 93 8.84 6.59 -20.87
CA ARG A 93 10.11 5.90 -20.94
C ARG A 93 10.03 4.47 -20.45
N SER A 94 8.85 3.98 -20.07
CA SER A 94 8.64 2.62 -19.61
C SER A 94 8.13 1.71 -20.72
N GLY A 95 8.62 1.90 -21.94
CA GLY A 95 8.17 1.13 -23.07
C GLY A 95 7.24 1.85 -24.03
N GLY A 96 7.30 3.18 -24.08
CA GLY A 96 6.42 3.94 -24.96
C GLY A 96 4.96 3.81 -24.61
N LEU A 97 4.64 3.67 -23.33
CA LEU A 97 3.25 3.51 -22.92
C LEU A 97 2.47 4.80 -23.11
N LEU A 98 1.17 4.66 -23.36
CA LEU A 98 0.28 5.81 -23.42
C LEU A 98 0.09 6.41 -22.03
N VAL A 99 -0.04 7.73 -21.97
CA VAL A 99 -0.29 8.41 -20.70
C VAL A 99 -1.03 9.72 -20.96
N GLY A 100 -1.94 10.06 -20.04
CA GLY A 100 -2.60 11.34 -20.05
C GLY A 100 -2.27 12.12 -18.77
N ALA A 101 -2.67 13.38 -18.75
CA ALA A 101 -2.37 14.24 -17.62
C ALA A 101 -3.45 15.31 -17.49
N ALA A 102 -3.87 15.58 -16.26
CA ALA A 102 -4.93 16.55 -15.98
C ALA A 102 -4.39 17.96 -15.85
N VAL A 103 -5.17 18.92 -16.36
CA VAL A 103 -4.83 20.33 -16.29
C VAL A 103 -6.10 21.11 -15.95
N GLY A 104 -6.03 21.97 -14.94
CA GLY A 104 -7.16 22.81 -14.61
C GLY A 104 -7.37 23.92 -15.62
N VAL A 105 -8.59 24.43 -15.70
CA VAL A 105 -8.92 25.52 -16.63
C VAL A 105 -8.64 26.82 -15.87
N THR A 106 -7.37 27.22 -15.88
CA THR A 106 -6.88 28.40 -15.17
C THR A 106 -6.02 29.24 -16.10
N ALA A 107 -5.62 30.42 -15.60
CA ALA A 107 -4.84 31.34 -16.41
C ALA A 107 -3.53 30.72 -16.88
N ASP A 108 -2.90 29.90 -16.05
CA ASP A 108 -1.61 29.31 -16.40
C ASP A 108 -1.73 27.90 -16.95
N ALA A 109 -2.94 27.49 -17.36
CA ALA A 109 -3.10 26.16 -17.93
C ALA A 109 -2.09 25.91 -19.06
N MET A 110 -1.90 26.90 -19.94
CA MET A 110 -1.04 26.67 -21.11
C MET A 110 0.40 26.39 -20.70
N THR A 111 0.86 27.03 -19.62
CA THR A 111 2.23 26.78 -19.16
C THR A 111 2.41 25.32 -18.75
N ARG A 112 1.45 24.77 -17.98
CA ARG A 112 1.51 23.37 -17.61
C ARG A 112 1.41 22.47 -18.83
N ILE A 113 0.50 22.79 -19.75
CA ILE A 113 0.34 22.02 -20.98
C ILE A 113 1.65 22.00 -21.77
N ASP A 114 2.35 23.14 -21.83
CA ASP A 114 3.61 23.22 -22.56
C ASP A 114 4.61 22.21 -22.05
N ALA A 115 4.74 22.09 -20.71
CA ALA A 115 5.71 21.15 -20.15
C ALA A 115 5.27 19.70 -20.37
N LEU A 116 3.96 19.44 -20.29
CA LEU A 116 3.45 18.10 -20.52
C LEU A 116 3.64 17.67 -21.96
N VAL A 117 3.48 18.61 -22.91
CA VAL A 117 3.70 18.29 -24.31
C VAL A 117 5.19 18.03 -24.58
N LYS A 118 6.07 18.88 -24.03
CA LYS A 118 7.51 18.62 -24.11
C LYS A 118 7.85 17.22 -23.59
N ALA A 119 7.08 16.71 -22.62
CA ALA A 119 7.29 15.37 -22.09
C ALA A 119 6.58 14.29 -22.89
N SER A 120 5.98 14.63 -24.04
CA SER A 120 5.33 13.68 -24.96
C SER A 120 4.09 13.04 -24.36
N VAL A 121 3.33 13.83 -23.59
CA VAL A 121 2.04 13.33 -23.12
C VAL A 121 1.15 13.01 -24.32
N ASP A 122 0.32 11.99 -24.18
CA ASP A 122 -0.53 11.59 -25.29
C ASP A 122 -1.87 12.31 -25.29
N ALA A 123 -2.33 12.77 -24.13
CA ALA A 123 -3.60 13.47 -24.09
C ALA A 123 -3.61 14.37 -22.87
N ILE A 124 -4.20 15.54 -23.04
N ILE A 124 -4.18 15.54 -23.02
CA ILE A 124 -4.45 16.46 -21.93
CA ILE A 124 -4.41 16.41 -21.87
C ILE A 124 -5.91 16.34 -21.55
C ILE A 124 -5.89 16.36 -21.54
N VAL A 125 -6.18 16.27 -20.26
CA VAL A 125 -7.55 16.32 -19.76
C VAL A 125 -7.74 17.70 -19.17
N LEU A 126 -8.49 18.55 -19.88
CA LEU A 126 -8.89 19.85 -19.35
C LEU A 126 -10.05 19.55 -18.41
N ASP A 127 -9.73 19.49 -17.15
CA ASP A 127 -10.65 19.06 -16.12
C ASP A 127 -11.22 20.18 -15.30
N THR A 128 -12.52 20.27 -15.29
CA THR A 128 -13.17 21.26 -14.50
C THR A 128 -14.50 20.75 -13.98
N ALA A 129 -14.96 21.36 -12.91
CA ALA A 129 -16.21 20.99 -12.29
C ALA A 129 -17.36 21.21 -13.22
N HIS A 130 -17.31 22.29 -13.98
CA HIS A 130 -18.42 22.68 -14.85
C HIS A 130 -17.87 23.02 -16.24
N GLY A 131 -17.84 22.01 -17.10
CA GLY A 131 -17.28 22.15 -18.43
C GLY A 131 -18.08 23.04 -19.35
N HIS A 132 -19.36 23.29 -19.04
CA HIS A 132 -20.20 24.17 -19.85
C HIS A 132 -20.03 25.62 -19.46
N SER A 133 -18.83 25.98 -19.07
CA SER A 133 -18.54 27.36 -18.71
C SER A 133 -17.80 28.01 -19.87
N GLN A 134 -18.05 29.31 -20.04
CA GLN A 134 -17.42 30.04 -21.15
C GLN A 134 -15.90 29.98 -21.08
N GLY A 135 -15.34 29.95 -19.88
CA GLY A 135 -13.90 29.87 -19.76
C GLY A 135 -13.33 28.57 -20.30
N VAL A 136 -14.04 27.46 -20.10
CA VAL A 136 -13.56 26.17 -20.58
C VAL A 136 -13.58 26.13 -22.11
N ILE A 137 -14.68 26.57 -22.72
CA ILE A 137 -14.76 26.67 -24.16
C ILE A 137 -13.57 27.46 -24.70
N ASP A 138 -13.34 28.63 -24.10
CA ASP A 138 -12.25 29.49 -24.56
C ASP A 138 -10.91 28.80 -24.41
N LYS A 139 -10.70 28.08 -23.32
CA LYS A 139 -9.41 27.44 -23.11
C LYS A 139 -9.21 26.29 -24.09
N VAL A 140 -10.28 25.54 -24.38
CA VAL A 140 -10.19 24.46 -25.36
C VAL A 140 -9.78 25.03 -26.72
N LYS A 141 -10.45 26.11 -27.15
CA LYS A 141 -10.09 26.74 -28.43
C LYS A 141 -8.62 27.16 -28.44
N GLU A 142 -8.14 27.71 -27.32
CA GLU A 142 -6.77 28.21 -27.28
C GLU A 142 -5.76 27.07 -27.37
N VAL A 143 -6.02 25.97 -26.66
CA VAL A 143 -5.11 24.83 -26.71
C VAL A 143 -5.12 24.21 -28.10
N ARG A 144 -6.31 24.05 -28.70
CA ARG A 144 -6.39 23.47 -30.03
C ARG A 144 -5.63 24.30 -31.06
N ALA A 145 -5.69 25.63 -30.92
CA ALA A 145 -4.96 26.50 -31.84
C ALA A 145 -3.46 26.33 -31.70
N LYS A 146 -2.95 26.22 -30.47
CA LYS A 146 -1.52 26.11 -30.28
C LYS A 146 -1.01 24.72 -30.63
N TYR A 147 -1.78 23.67 -30.31
CA TYR A 147 -1.38 22.28 -30.49
C TYR A 147 -2.42 21.57 -31.35
N PRO A 148 -2.37 21.76 -32.67
CA PRO A 148 -3.45 21.27 -33.53
C PRO A 148 -3.59 19.76 -33.58
N SER A 149 -2.57 18.99 -33.19
CA SER A 149 -2.67 17.54 -33.23
C SER A 149 -2.69 16.92 -31.83
N LEU A 150 -2.81 17.74 -30.79
CA LEU A 150 -2.86 17.21 -29.43
C LEU A 150 -4.24 16.63 -29.14
N ASN A 151 -4.28 15.45 -28.52
CA ASN A 151 -5.53 14.91 -28.02
C ASN A 151 -5.99 15.74 -26.84
N ILE A 152 -7.17 16.34 -26.96
CA ILE A 152 -7.77 17.13 -25.89
C ILE A 152 -9.02 16.41 -25.42
N ILE A 153 -9.00 15.98 -24.16
CA ILE A 153 -10.17 15.49 -23.43
C ILE A 153 -10.69 16.66 -22.60
N ALA A 154 -11.95 17.04 -22.78
CA ALA A 154 -12.51 18.18 -22.06
C ALA A 154 -13.76 17.79 -21.29
N GLY A 155 -13.92 18.34 -20.09
CA GLY A 155 -15.09 18.02 -19.26
C GLY A 155 -15.04 18.81 -17.97
N ASN A 156 -16.00 18.54 -17.07
CA ASN A 156 -17.04 17.53 -17.23
C ASN A 156 -18.35 18.18 -17.61
N VAL A 157 -19.15 17.45 -18.38
CA VAL A 157 -20.46 17.93 -18.82
C VAL A 157 -21.49 16.84 -18.59
N ALA A 158 -22.76 17.24 -18.74
CA ALA A 158 -23.84 16.28 -18.57
C ALA A 158 -25.01 16.55 -19.51
N THR A 159 -24.84 17.43 -20.51
CA THR A 159 -25.92 17.77 -21.42
C THR A 159 -25.43 17.76 -22.86
N ALA A 160 -26.39 17.56 -23.77
CA ALA A 160 -26.08 17.62 -25.19
C ALA A 160 -25.55 19.00 -25.57
N GLU A 161 -26.14 20.06 -25.02
CA GLU A 161 -25.71 21.42 -25.37
C GLU A 161 -24.26 21.65 -24.98
N ALA A 162 -23.87 21.20 -23.78
CA ALA A 162 -22.48 21.35 -23.34
C ALA A 162 -21.54 20.52 -24.20
N THR A 163 -21.95 19.30 -24.53
CA THR A 163 -21.15 18.45 -25.40
C THR A 163 -20.91 19.11 -26.75
N LYS A 164 -21.98 19.63 -27.36
CA LYS A 164 -21.85 20.35 -28.62
C LYS A 164 -20.84 21.48 -28.50
N ALA A 165 -20.91 22.24 -27.39
CA ALA A 165 -20.05 23.41 -27.26
C ALA A 165 -18.58 23.01 -27.17
N LEU A 166 -18.26 21.96 -26.39
CA LEU A 166 -16.88 21.54 -26.25
C LEU A 166 -16.34 20.95 -27.56
N ILE A 167 -17.19 20.22 -28.29
CA ILE A 167 -16.75 19.67 -29.58
C ILE A 167 -16.44 20.80 -30.56
N GLU A 168 -17.36 21.76 -30.66
CA GLU A 168 -17.14 22.86 -31.59
C GLU A 168 -15.94 23.70 -31.17
N ALA A 169 -15.62 23.73 -29.88
CA ALA A 169 -14.43 24.42 -29.41
C ALA A 169 -13.15 23.70 -29.79
N GLY A 170 -13.22 22.39 -30.04
CA GLY A 170 -12.08 21.66 -30.55
C GLY A 170 -11.66 20.45 -29.73
N ALA A 171 -12.42 20.10 -28.69
CA ALA A 171 -12.13 18.88 -27.96
C ALA A 171 -12.41 17.68 -28.86
N ASN A 172 -11.52 16.69 -28.83
CA ASN A 172 -11.85 15.51 -29.60
C ASN A 172 -12.32 14.33 -28.74
N VAL A 173 -12.36 14.49 -27.41
CA VAL A 173 -13.05 13.56 -26.50
C VAL A 173 -13.75 14.39 -25.42
N VAL A 174 -15.00 14.04 -25.11
CA VAL A 174 -15.77 14.76 -24.09
C VAL A 174 -15.99 13.86 -22.88
N LYS A 175 -15.72 14.37 -21.68
CA LYS A 175 -15.82 13.58 -20.46
C LYS A 175 -17.12 13.95 -19.75
N VAL A 176 -17.92 12.93 -19.43
CA VAL A 176 -19.30 13.11 -19.01
C VAL A 176 -19.46 12.66 -17.56
N GLY A 177 -20.07 13.53 -16.75
CA GLY A 177 -20.39 13.20 -15.38
C GLY A 177 -20.42 14.42 -14.48
N ILE A 178 -21.60 14.78 -13.95
CA ILE A 178 -21.69 15.83 -12.92
C ILE A 178 -22.32 15.21 -11.67
N GLY A 179 -21.48 14.93 -10.67
CA GLY A 179 -21.94 14.44 -9.39
C GLY A 179 -22.11 12.94 -9.09
N PRO A 180 -21.98 12.00 -10.05
CA PRO A 180 -22.20 10.59 -9.68
C PRO A 180 -21.07 9.95 -8.87
N GLY A 181 -19.92 10.60 -8.77
CA GLY A 181 -18.77 9.95 -8.15
C GLY A 181 -19.05 9.48 -6.73
N SER A 182 -18.44 8.36 -6.39
CA SER A 182 -18.62 7.75 -5.07
C SER A 182 -18.26 8.69 -3.94
N ILE A 183 -17.27 9.56 -4.15
CA ILE A 183 -16.80 10.48 -3.12
C ILE A 183 -17.38 11.88 -3.31
N CYS A 184 -18.33 12.05 -4.24
CA CYS A 184 -18.77 13.37 -4.66
C CYS A 184 -20.00 13.83 -3.90
N THR A 185 -19.99 15.11 -3.47
CA THR A 185 -21.15 15.72 -2.83
C THR A 185 -21.72 16.89 -3.63
N THR A 186 -21.24 17.15 -4.86
CA THR A 186 -21.79 18.23 -5.68
C THR A 186 -23.32 18.24 -5.69
N ARG A 187 -23.93 17.06 -5.88
CA ARG A 187 -25.39 17.07 -5.96
C ARG A 187 -26.04 17.41 -4.64
N VAL A 188 -25.38 17.07 -3.53
CA VAL A 188 -25.95 17.30 -2.21
C VAL A 188 -25.70 18.74 -1.78
N VAL A 189 -24.52 19.28 -2.08
N VAL A 189 -24.53 19.29 -2.08
CA VAL A 189 -24.10 20.58 -1.58
CA VAL A 189 -24.20 20.59 -1.54
C VAL A 189 -24.56 21.71 -2.51
C VAL A 189 -24.55 21.73 -2.51
N ALA A 190 -24.50 21.48 -3.82
CA ALA A 190 -24.91 22.48 -4.79
C ALA A 190 -26.27 22.18 -5.41
N GLY A 191 -26.77 20.96 -5.30
CA GLY A 191 -28.07 20.60 -5.82
C GLY A 191 -28.10 20.21 -7.27
N VAL A 192 -26.95 20.10 -7.93
CA VAL A 192 -26.85 20.06 -9.39
C VAL A 192 -26.32 18.71 -9.84
N GLY A 193 -26.95 18.18 -10.90
CA GLY A 193 -26.41 17.02 -11.59
C GLY A 193 -27.42 16.45 -12.56
N VAL A 194 -27.00 15.36 -13.20
CA VAL A 194 -27.88 14.58 -14.09
C VAL A 194 -27.61 13.11 -13.80
N PRO A 195 -28.63 12.28 -13.56
CA PRO A 195 -28.36 10.85 -13.34
C PRO A 195 -27.51 10.29 -14.48
N GLN A 196 -26.47 9.52 -14.13
CA GLN A 196 -25.31 9.37 -15.01
C GLN A 196 -25.63 8.60 -16.28
N LEU A 197 -26.52 7.61 -16.24
CA LEU A 197 -26.80 6.90 -17.48
C LEU A 197 -27.50 7.83 -18.47
N THR A 198 -28.43 8.67 -17.99
CA THR A 198 -29.04 9.65 -18.87
C THR A 198 -28.03 10.67 -19.35
N ALA A 199 -27.11 11.10 -18.47
CA ALA A 199 -26.08 12.03 -18.91
C ALA A 199 -25.26 11.44 -20.05
N VAL A 200 -24.82 10.18 -19.90
CA VAL A 200 -24.04 9.55 -20.96
C VAL A 200 -24.85 9.45 -22.25
N TYR A 201 -26.11 9.01 -22.14
CA TYR A 201 -26.93 8.84 -23.35
C TYR A 201 -27.18 10.18 -24.04
N ASP A 202 -27.53 11.22 -23.26
CA ASP A 202 -27.78 12.52 -23.85
C ASP A 202 -26.53 13.09 -24.51
N CYS A 203 -25.39 12.98 -23.84
CA CYS A 203 -24.16 13.51 -24.40
C CYS A 203 -23.69 12.71 -25.60
N ALA A 204 -23.82 11.37 -25.54
CA ALA A 204 -23.46 10.55 -26.69
C ALA A 204 -24.37 10.83 -27.87
N THR A 205 -25.66 11.07 -27.60
CA THR A 205 -26.58 11.39 -28.69
C THR A 205 -26.05 12.55 -29.52
N GLU A 206 -25.55 13.58 -28.84
CA GLU A 206 -24.99 14.72 -29.55
C GLU A 206 -23.62 14.38 -30.15
N ALA A 207 -22.74 13.77 -29.35
CA ALA A 207 -21.38 13.52 -29.82
C ALA A 207 -21.33 12.61 -31.04
N ARG A 208 -22.24 11.63 -31.11
CA ARG A 208 -22.35 10.74 -32.26
C ARG A 208 -22.47 11.49 -33.56
N LYS A 209 -23.18 12.62 -33.55
CA LYS A 209 -23.38 13.40 -34.77
C LYS A 209 -22.07 13.92 -35.33
N HIS A 210 -21.07 14.09 -34.47
CA HIS A 210 -19.77 14.66 -34.83
C HIS A 210 -18.68 13.61 -34.91
N GLY A 211 -18.99 12.35 -34.61
CA GLY A 211 -17.96 11.33 -34.56
C GLY A 211 -17.04 11.40 -33.36
N ILE A 212 -17.48 12.02 -32.27
CA ILE A 212 -16.62 12.30 -31.11
C ILE A 212 -16.93 11.29 -30.01
N PRO A 213 -15.93 10.64 -29.43
CA PRO A 213 -16.18 9.71 -28.32
C PRO A 213 -16.42 10.43 -27.00
N VAL A 214 -17.22 9.81 -26.14
CA VAL A 214 -17.42 10.32 -24.79
C VAL A 214 -16.91 9.31 -23.77
N ILE A 215 -16.42 9.86 -22.65
CA ILE A 215 -15.98 9.09 -21.48
C ILE A 215 -17.08 9.14 -20.44
N ALA A 216 -17.51 7.98 -19.95
CA ALA A 216 -18.45 7.93 -18.82
C ALA A 216 -17.66 7.96 -17.52
N ASP A 217 -17.65 9.12 -16.86
CA ASP A 217 -16.78 9.38 -15.72
C ASP A 217 -17.59 9.42 -14.42
N GLY A 218 -17.46 8.39 -13.59
CA GLY A 218 -17.98 8.48 -12.24
C GLY A 218 -19.18 7.58 -11.99
N GLY A 219 -19.31 7.13 -10.73
CA GLY A 219 -20.48 6.38 -10.27
C GLY A 219 -20.51 4.91 -10.61
N ILE A 220 -19.46 4.38 -11.24
CA ILE A 220 -19.40 2.95 -11.53
C ILE A 220 -18.91 2.23 -10.28
N LYS A 221 -19.73 1.32 -9.73
CA LYS A 221 -19.35 0.62 -8.51
C LYS A 221 -19.26 -0.89 -8.69
N TYR A 222 -19.80 -1.42 -9.78
CA TYR A 222 -19.61 -2.82 -10.16
C TYR A 222 -19.34 -2.89 -11.65
N SER A 223 -18.76 -4.01 -12.10
CA SER A 223 -18.43 -4.13 -13.52
C SER A 223 -19.66 -3.97 -14.40
N GLY A 224 -20.84 -4.41 -13.94
CA GLY A 224 -22.04 -4.27 -14.75
C GLY A 224 -22.38 -2.82 -15.03
N ASP A 225 -22.01 -1.91 -14.13
CA ASP A 225 -22.25 -0.49 -14.37
C ASP A 225 -21.45 0.00 -15.56
N MET A 226 -20.21 -0.49 -15.69
CA MET A 226 -19.42 -0.15 -16.87
C MET A 226 -20.10 -0.64 -18.13
N VAL A 227 -20.64 -1.86 -18.11
CA VAL A 227 -21.30 -2.36 -19.31
C VAL A 227 -22.48 -1.46 -19.67
N LYS A 228 -23.29 -1.07 -18.68
CA LYS A 228 -24.40 -0.16 -18.95
C LYS A 228 -23.93 1.19 -19.51
N ALA A 229 -22.85 1.75 -18.95
CA ALA A 229 -22.37 3.04 -19.46
C ALA A 229 -21.94 2.94 -20.92
N LEU A 230 -21.24 1.87 -21.28
CA LEU A 230 -20.81 1.71 -22.67
C LEU A 230 -22.00 1.47 -23.58
N ALA A 231 -22.97 0.67 -23.12
CA ALA A 231 -24.17 0.44 -23.91
C ALA A 231 -25.02 1.70 -24.05
N ALA A 232 -24.91 2.65 -23.11
CA ALA A 232 -25.62 3.91 -23.23
C ALA A 232 -24.94 4.88 -24.17
N GLY A 233 -23.76 4.53 -24.69
CA GLY A 233 -23.14 5.38 -25.69
C GLY A 233 -21.71 5.78 -25.45
N ALA A 234 -21.16 5.51 -24.27
CA ALA A 234 -19.77 5.91 -24.00
C ALA A 234 -18.79 5.00 -24.73
N HIS A 235 -17.67 5.58 -25.18
CA HIS A 235 -16.60 4.76 -25.75
C HIS A 235 -15.77 4.07 -24.68
N VAL A 236 -15.69 4.67 -23.49
CA VAL A 236 -14.73 4.26 -22.48
C VAL A 236 -15.28 4.78 -21.15
N VAL A 237 -14.85 4.18 -20.05
CA VAL A 237 -15.26 4.66 -18.74
C VAL A 237 -14.04 5.13 -17.96
N MET A 238 -14.29 6.01 -17.00
CA MET A 238 -13.27 6.47 -16.07
C MET A 238 -13.69 6.07 -14.66
N LEU A 239 -12.75 5.45 -13.92
CA LEU A 239 -13.01 4.94 -12.58
C LEU A 239 -12.08 5.58 -11.58
N GLY A 240 -12.64 5.95 -10.42
CA GLY A 240 -11.87 6.36 -9.26
C GLY A 240 -11.94 5.28 -8.19
N SER A 241 -13.10 5.14 -7.56
CA SER A 241 -13.21 4.25 -6.40
C SER A 241 -12.79 2.82 -6.71
N MET A 242 -13.14 2.29 -7.87
CA MET A 242 -12.81 0.88 -8.12
C MET A 242 -11.33 0.67 -8.39
N PHE A 243 -10.56 1.74 -8.61
CA PHE A 243 -9.11 1.65 -8.75
C PHE A 243 -8.35 2.12 -7.52
N ALA A 244 -8.98 2.88 -6.63
CA ALA A 244 -8.24 3.52 -5.54
C ALA A 244 -7.61 2.51 -4.58
N GLY A 245 -8.20 1.32 -4.45
CA GLY A 245 -7.61 0.38 -3.52
C GLY A 245 -6.52 -0.52 -4.07
N VAL A 246 -6.07 -0.32 -5.30
CA VAL A 246 -5.09 -1.27 -5.84
C VAL A 246 -3.69 -0.85 -5.43
N ALA A 247 -2.77 -1.81 -5.48
CA ALA A 247 -1.40 -1.62 -5.04
C ALA A 247 -0.75 -0.40 -5.69
N GLU A 248 -1.00 -0.22 -6.99
CA GLU A 248 -0.31 0.79 -7.77
C GLU A 248 -0.85 2.21 -7.57
N SER A 249 -1.99 2.39 -6.92
CA SER A 249 -2.46 3.73 -6.64
C SER A 249 -1.52 4.42 -5.64
N PRO A 250 -1.48 5.75 -5.65
CA PRO A 250 -0.62 6.46 -4.70
C PRO A 250 -1.24 6.44 -3.31
N GLY A 251 -0.43 6.80 -2.33
CA GLY A 251 -0.98 6.64 -1.00
C GLY A 251 -0.74 5.24 -0.47
N GLU A 252 -0.51 5.17 0.83
N GLU A 252 -0.48 5.16 0.83
CA GLU A 252 -0.13 3.92 1.48
CA GLU A 252 -0.12 3.88 1.41
C GLU A 252 -1.36 3.21 2.05
C GLU A 252 -1.33 3.22 2.07
N THR A 253 -1.19 1.93 2.32
CA THR A 253 -2.25 1.09 2.87
C THR A 253 -2.24 1.18 4.38
N GLU A 254 -3.43 1.25 4.97
CA GLU A 254 -3.62 1.36 6.41
C GLU A 254 -4.47 0.19 6.90
N ILE A 255 -4.27 -0.18 8.16
CA ILE A 255 -5.08 -1.21 8.80
C ILE A 255 -6.10 -0.54 9.69
N TYR A 256 -7.37 -0.87 9.49
CA TYR A 256 -8.44 -0.36 10.32
C TYR A 256 -9.33 -1.54 10.70
N GLN A 257 -9.44 -1.81 12.01
CA GLN A 257 -10.26 -2.90 12.50
C GLN A 257 -9.81 -4.25 11.93
N GLY A 258 -8.49 -4.42 11.82
CA GLY A 258 -7.92 -5.63 11.29
C GLY A 258 -8.03 -5.81 9.80
N ARG A 259 -8.55 -4.83 9.07
CA ARG A 259 -8.69 -4.94 7.63
C ARG A 259 -7.84 -3.87 6.94
N GLN A 260 -7.43 -4.18 5.70
CA GLN A 260 -6.54 -3.32 4.94
C GLN A 260 -7.34 -2.34 4.08
N PHE A 261 -6.99 -1.06 4.15
CA PHE A 261 -7.71 -0.02 3.42
C PHE A 261 -6.72 0.96 2.81
N LYS A 262 -7.15 1.62 1.74
CA LYS A 262 -6.42 2.77 1.21
C LYS A 262 -7.32 3.99 1.26
N VAL A 263 -6.69 5.15 1.49
CA VAL A 263 -7.43 6.40 1.49
C VAL A 263 -7.93 6.70 0.09
N TYR A 264 -9.16 7.18 0.00
CA TYR A 264 -9.71 7.63 -1.28
C TYR A 264 -10.51 8.87 -0.98
N ARG A 265 -10.26 9.96 -1.70
CA ARG A 265 -10.92 11.22 -1.39
C ARG A 265 -11.22 12.00 -2.66
N GLY A 266 -12.30 12.78 -2.60
CA GLY A 266 -12.62 13.67 -3.70
C GLY A 266 -11.54 14.72 -3.90
N MET A 267 -11.32 15.11 -5.16
CA MET A 267 -10.39 16.19 -5.42
C MET A 267 -10.92 17.54 -4.95
N GLY A 268 -12.22 17.64 -4.66
CA GLY A 268 -12.81 18.84 -4.06
C GLY A 268 -13.06 18.69 -2.58
N SER A 269 -12.42 17.70 -1.94
CA SER A 269 -12.52 17.54 -0.50
C SER A 269 -11.56 18.50 0.19
N VAL A 270 -11.84 18.78 1.47
CA VAL A 270 -10.97 19.68 2.23
C VAL A 270 -9.53 19.22 2.11
N GLY A 271 -9.28 17.93 2.29
CA GLY A 271 -7.91 17.44 2.34
C GLY A 271 -7.18 17.60 1.02
N ALA A 272 -7.87 17.33 -0.09
CA ALA A 272 -7.23 17.43 -1.40
C ALA A 272 -6.98 18.88 -1.80
N MET A 273 -7.89 19.77 -1.41
CA MET A 273 -7.73 21.19 -1.76
C MET A 273 -6.66 21.87 -0.93
N GLU A 274 -6.36 21.35 0.26
CA GLU A 274 -5.23 21.85 1.04
C GLU A 274 -3.91 21.33 0.46
N LEU A 289 -14.84 27.28 -3.29
N LEU A 289 -13.03 26.80 3.05
CA LEU A 289 -15.29 27.77 -1.99
CA LEU A 289 -13.47 26.21 1.79
C LEU A 289 -15.30 26.62 -1.02
C LEU A 289 -14.82 25.53 1.92
N VAL A 290 -16.51 26.17 -0.69
N VAL A 290 -15.53 25.49 0.81
CA VAL A 290 -16.76 25.07 0.22
CA VAL A 290 -16.82 24.83 0.73
C VAL A 290 -16.56 23.74 -0.53
C VAL A 290 -16.57 23.69 -0.24
N PRO A 291 -16.33 22.64 0.19
N PRO A 291 -16.38 22.49 0.30
CA PRO A 291 -16.02 21.41 -0.56
CA PRO A 291 -16.01 21.35 -0.53
C PRO A 291 -17.18 20.71 -1.22
C PRO A 291 -17.18 20.65 -1.19
N GLU A 292 -16.87 19.99 -2.30
CA GLU A 292 -17.86 19.21 -3.02
C GLU A 292 -17.49 17.73 -3.07
N GLY A 293 -16.65 17.30 -2.12
CA GLY A 293 -16.31 15.90 -1.99
C GLY A 293 -15.99 15.59 -0.54
N ILE A 294 -15.88 14.29 -0.26
CA ILE A 294 -15.53 13.83 1.08
C ILE A 294 -14.25 13.00 1.03
N GLU A 295 -13.75 12.68 2.21
CA GLU A 295 -12.55 11.87 2.37
C GLU A 295 -12.96 10.55 2.99
N GLY A 296 -12.44 9.46 2.43
CA GLY A 296 -12.81 8.16 2.97
C GLY A 296 -11.75 7.11 2.77
N ARG A 297 -12.17 5.85 2.81
CA ARG A 297 -11.23 4.76 2.59
C ARG A 297 -11.96 3.65 1.88
N VAL A 298 -11.20 2.86 1.13
CA VAL A 298 -11.76 1.76 0.35
C VAL A 298 -10.91 0.53 0.65
N PRO A 299 -11.48 -0.68 0.55
CA PRO A 299 -10.67 -1.87 0.83
C PRO A 299 -9.49 -1.99 -0.13
N TYR A 300 -8.38 -2.47 0.42
CA TYR A 300 -7.22 -2.80 -0.39
C TYR A 300 -7.54 -4.00 -1.28
N LYS A 301 -7.12 -3.93 -2.54
CA LYS A 301 -7.50 -4.92 -3.54
C LYS A 301 -6.33 -5.65 -4.16
N GLY A 302 -5.10 -5.35 -3.79
CA GLY A 302 -3.96 -6.02 -4.39
C GLY A 302 -3.62 -5.43 -5.74
N PRO A 303 -2.88 -6.18 -6.56
CA PRO A 303 -2.41 -5.64 -7.84
C PRO A 303 -3.55 -5.23 -8.76
N LEU A 304 -3.32 -4.12 -9.48
CA LEU A 304 -4.28 -3.61 -10.46
C LEU A 304 -4.76 -4.70 -11.41
N ALA A 305 -3.85 -5.57 -11.86
CA ALA A 305 -4.20 -6.56 -12.88
C ALA A 305 -5.39 -7.41 -12.47
N ASP A 306 -5.53 -7.71 -11.19
CA ASP A 306 -6.64 -8.56 -10.75
C ASP A 306 -7.97 -7.83 -10.88
N THR A 307 -8.01 -6.55 -10.54
CA THR A 307 -9.23 -5.77 -10.67
C THR A 307 -9.58 -5.54 -12.14
N VAL A 308 -8.58 -5.27 -12.97
CA VAL A 308 -8.84 -5.11 -14.40
C VAL A 308 -9.39 -6.41 -14.98
N HIS A 309 -8.84 -7.55 -14.57
CA HIS A 309 -9.33 -8.83 -15.09
C HIS A 309 -10.81 -9.02 -14.77
N GLN A 310 -11.23 -8.68 -13.55
CA GLN A 310 -12.64 -8.83 -13.18
C GLN A 310 -13.52 -7.85 -13.96
N LEU A 311 -13.03 -6.61 -14.12
CA LEU A 311 -13.81 -5.61 -14.86
C LEU A 311 -14.00 -6.04 -16.31
N VAL A 312 -12.90 -6.35 -17.00
CA VAL A 312 -13.01 -6.73 -18.42
C VAL A 312 -13.77 -8.05 -18.56
N GLY A 313 -13.63 -8.96 -17.61
CA GLY A 313 -14.39 -10.21 -17.68
C GLY A 313 -15.89 -9.99 -17.62
N GLY A 314 -16.33 -9.09 -16.72
CA GLY A 314 -17.74 -8.74 -16.68
C GLY A 314 -18.22 -8.07 -17.95
N LEU A 315 -17.39 -7.20 -18.53
CA LEU A 315 -17.74 -6.58 -19.81
C LEU A 315 -17.88 -7.64 -20.91
N ARG A 316 -16.92 -8.57 -20.96
CA ARG A 316 -16.99 -9.63 -21.97
C ARG A 316 -18.26 -10.45 -21.81
N ALA A 317 -18.63 -10.79 -20.57
CA ALA A 317 -19.88 -11.51 -20.33
C ALA A 317 -21.07 -10.71 -20.82
N GLY A 318 -21.13 -9.43 -20.45
CA GLY A 318 -22.23 -8.57 -20.86
C GLY A 318 -22.34 -8.46 -22.37
N MET A 319 -21.21 -8.32 -23.05
CA MET A 319 -21.25 -8.24 -24.50
C MET A 319 -21.72 -9.54 -25.12
N GLY A 320 -21.29 -10.68 -24.55
CA GLY A 320 -21.82 -11.97 -25.00
C GLY A 320 -23.32 -12.07 -24.86
N TYR A 321 -23.85 -11.63 -23.72
CA TYR A 321 -25.30 -11.66 -23.52
C TYR A 321 -26.02 -10.77 -24.51
N CYS A 322 -25.39 -9.67 -24.91
CA CYS A 322 -26.01 -8.71 -25.81
C CYS A 322 -25.71 -9.00 -27.29
N GLY A 323 -24.95 -10.05 -27.60
CA GLY A 323 -24.60 -10.32 -28.98
C GLY A 323 -23.66 -9.32 -29.62
N ALA A 324 -22.83 -8.65 -28.82
CA ALA A 324 -21.96 -7.58 -29.31
C ALA A 324 -20.55 -8.09 -29.49
N GLN A 325 -20.11 -8.25 -30.75
CA GLN A 325 -18.73 -8.64 -31.03
C GLN A 325 -17.75 -7.52 -30.69
N ASP A 326 -18.20 -6.28 -30.70
CA ASP A 326 -17.30 -5.17 -30.37
C ASP A 326 -18.13 -4.07 -29.75
N LEU A 327 -17.43 -3.03 -29.27
CA LEU A 327 -18.13 -1.99 -28.51
C LEU A 327 -18.99 -1.13 -29.42
N GLU A 328 -18.62 -0.99 -30.70
CA GLU A 328 -19.49 -0.28 -31.63
C GLU A 328 -20.86 -0.95 -31.71
N PHE A 329 -20.89 -2.28 -31.82
CA PHE A 329 -22.17 -2.96 -31.86
C PHE A 329 -22.96 -2.74 -30.58
N LEU A 330 -22.26 -2.80 -29.44
CA LEU A 330 -22.94 -2.59 -28.16
C LEU A 330 -23.57 -1.22 -28.09
N ARG A 331 -22.79 -0.17 -28.37
CA ARG A 331 -23.31 1.19 -28.33
C ARG A 331 -24.51 1.36 -29.25
N GLU A 332 -24.42 0.79 -30.47
CA GLU A 332 -25.44 1.04 -31.48
C GLU A 332 -26.69 0.17 -31.30
N ASN A 333 -26.60 -0.97 -30.62
CA ASN A 333 -27.70 -1.92 -30.64
C ASN A 333 -28.27 -2.26 -29.28
N ALA A 334 -27.47 -2.21 -28.21
CA ALA A 334 -27.93 -2.75 -26.92
C ALA A 334 -29.15 -1.99 -26.43
N GLN A 335 -30.11 -2.76 -25.88
CA GLN A 335 -31.35 -2.20 -25.36
C GLN A 335 -31.42 -2.39 -23.86
N PHE A 336 -32.12 -1.48 -23.19
CA PHE A 336 -32.30 -1.54 -21.75
C PHE A 336 -33.76 -1.80 -21.39
N ILE A 337 -33.96 -2.23 -20.14
CA ILE A 337 -35.30 -2.28 -19.57
C ILE A 337 -35.23 -1.60 -18.20
N ARG A 338 -36.18 -0.70 -17.96
CA ARG A 338 -36.23 0.06 -16.71
C ARG A 338 -36.86 -0.78 -15.62
N MET A 339 -36.39 -0.58 -14.39
CA MET A 339 -36.88 -1.39 -13.27
C MET A 339 -36.98 -0.52 -12.02
N SER A 340 -37.72 -1.04 -11.02
CA SER A 340 -37.88 -0.36 -9.74
C SER A 340 -36.76 -0.75 -8.78
N GLY A 341 -36.78 -0.16 -7.58
CA GLY A 341 -35.90 -0.63 -6.53
C GLY A 341 -36.10 -2.10 -6.18
N ALA A 342 -37.32 -2.61 -6.35
CA ALA A 342 -37.53 -4.05 -6.17
C ALA A 342 -36.78 -4.83 -7.24
N GLY A 343 -36.75 -4.30 -8.45
CA GLY A 343 -35.93 -4.90 -9.48
C GLY A 343 -34.46 -4.94 -9.09
N LEU A 344 -33.96 -3.84 -8.51
CA LEU A 344 -32.56 -3.80 -8.09
C LEU A 344 -32.28 -4.84 -7.01
N LEU A 345 -33.18 -4.98 -6.04
CA LEU A 345 -32.93 -5.94 -4.97
C LEU A 345 -32.96 -7.37 -5.48
N GLU A 346 -33.82 -7.65 -6.47
CA GLU A 346 -33.81 -8.96 -7.10
C GLU A 346 -32.52 -9.19 -7.87
N SER A 347 -31.95 -8.11 -8.41
CA SER A 347 -30.80 -8.22 -9.29
C SER A 347 -29.53 -8.57 -8.50
N HIS A 348 -29.35 -7.94 -7.34
CA HIS A 348 -28.28 -8.34 -6.42
C HIS A 348 -28.59 -9.70 -5.79
N PRO A 349 -27.60 -10.34 -5.17
CA PRO A 349 -27.91 -11.49 -4.31
C PRO A 349 -28.88 -11.07 -3.22
N HIS A 350 -29.76 -11.99 -2.83
CA HIS A 350 -30.79 -11.67 -1.85
C HIS A 350 -31.19 -12.94 -1.10
N HIS A 351 -31.67 -12.76 0.13
CA HIS A 351 -32.21 -13.85 0.95
C HIS A 351 -31.22 -15.01 1.06
N VAL A 352 -29.95 -14.66 1.20
CA VAL A 352 -28.89 -15.62 1.48
C VAL A 352 -27.81 -14.88 2.26
N GLN A 353 -27.23 -15.54 3.26
CA GLN A 353 -26.10 -14.94 3.94
C GLN A 353 -24.84 -15.28 3.14
N ILE A 354 -24.18 -14.26 2.61
CA ILE A 354 -22.97 -14.48 1.84
C ILE A 354 -21.84 -14.85 2.79
N THR A 355 -21.11 -15.93 2.46
CA THR A 355 -20.06 -16.42 3.33
C THR A 355 -18.65 -16.14 2.85
N LYS A 356 -18.45 -15.88 1.55
CA LYS A 356 -17.14 -15.57 1.01
C LYS A 356 -17.23 -14.34 0.13
N GLU A 357 -16.20 -13.51 0.16
CA GLU A 357 -16.13 -12.41 -0.78
C GLU A 357 -15.82 -12.94 -2.17
N ALA A 358 -16.65 -12.55 -3.15
CA ALA A 358 -16.34 -12.87 -4.53
C ALA A 358 -15.35 -11.85 -5.08
N PRO A 359 -14.53 -12.22 -6.07
CA PRO A 359 -13.56 -11.26 -6.59
C PRO A 359 -14.20 -10.07 -7.28
N ASN A 360 -15.47 -10.17 -7.65
CA ASN A 360 -16.17 -9.06 -8.31
C ASN A 360 -17.43 -8.66 -7.57
N TYR A 361 -17.58 -9.07 -6.31
CA TYR A 361 -18.76 -8.68 -5.54
C TYR A 361 -18.43 -8.70 -4.06
N SER A 362 -18.53 -7.54 -3.40
CA SER A 362 -18.39 -7.51 -1.95
C SER A 362 -19.42 -6.58 -1.31
N ASN B 2 15.85 -20.94 -19.61
CA ASN B 2 17.23 -20.57 -19.34
C ASN B 2 17.33 -19.29 -18.50
N ALA B 3 16.18 -18.66 -18.27
CA ALA B 3 16.17 -17.40 -17.51
C ALA B 3 16.71 -17.60 -16.10
N MET B 4 16.30 -18.67 -15.43
CA MET B 4 16.78 -18.94 -14.06
C MET B 4 18.28 -19.13 -14.03
N TRP B 5 18.84 -19.82 -15.03
CA TRP B 5 20.28 -20.06 -15.05
C TRP B 5 21.04 -18.74 -15.19
N GLU B 6 20.53 -17.82 -16.00
CA GLU B 6 21.27 -16.60 -16.29
C GLU B 6 21.11 -15.54 -15.21
N SER B 7 20.09 -15.63 -14.37
CA SER B 7 19.87 -14.63 -13.33
C SER B 7 20.54 -14.97 -12.01
N LYS B 8 21.31 -16.06 -11.95
CA LYS B 8 21.80 -16.59 -10.68
C LYS B 8 22.54 -15.54 -9.85
N PHE B 9 23.32 -14.67 -10.50
CA PHE B 9 24.24 -13.82 -9.75
C PHE B 9 23.90 -12.33 -9.92
N VAL B 10 22.70 -12.02 -10.42
CA VAL B 10 22.35 -10.64 -10.72
C VAL B 10 22.20 -9.79 -9.46
N LYS B 11 21.59 -10.35 -8.41
CA LYS B 11 21.19 -9.56 -7.25
C LYS B 11 22.39 -9.11 -6.40
N GLU B 12 22.23 -7.93 -5.78
CA GLU B 12 23.20 -7.34 -4.85
C GLU B 12 22.53 -7.05 -3.52
N GLY B 13 23.26 -7.20 -2.42
CA GLY B 13 22.71 -6.93 -1.11
C GLY B 13 23.65 -6.13 -0.23
N LEU B 14 23.05 -5.34 0.67
CA LEU B 14 23.78 -4.47 1.59
C LEU B 14 23.51 -4.84 3.03
N THR B 15 24.52 -4.66 3.88
N THR B 15 24.52 -4.69 3.88
CA THR B 15 24.38 -4.77 5.32
CA THR B 15 24.38 -4.78 5.33
C THR B 15 24.58 -3.41 5.96
C THR B 15 24.52 -3.40 5.95
N PHE B 16 24.33 -3.35 7.27
CA PHE B 16 24.48 -2.10 8.01
C PHE B 16 25.83 -1.43 7.76
N ASP B 17 26.91 -2.20 7.80
CA ASP B 17 28.24 -1.62 7.66
C ASP B 17 28.56 -1.19 6.23
N ASP B 18 27.64 -1.38 5.27
CA ASP B 18 27.86 -0.93 3.90
C ASP B 18 27.37 0.48 3.64
N VAL B 19 26.72 1.12 4.63
CA VAL B 19 25.98 2.36 4.38
C VAL B 19 26.08 3.31 5.56
N LEU B 20 25.78 4.58 5.29
CA LEU B 20 25.53 5.59 6.30
C LEU B 20 24.25 6.33 5.95
N LEU B 21 23.60 6.89 6.96
CA LEU B 21 22.43 7.71 6.73
C LEU B 21 22.85 9.15 6.43
N VAL B 22 22.25 9.74 5.40
CA VAL B 22 22.65 11.08 4.98
C VAL B 22 21.96 12.10 5.87
N PRO B 23 22.71 13.02 6.50
CA PRO B 23 22.07 14.09 7.26
C PRO B 23 21.15 14.92 6.37
N ALA B 24 20.06 15.42 6.98
CA ALA B 24 19.05 16.17 6.27
C ALA B 24 18.67 17.42 7.06
N LYS B 25 17.94 18.32 6.39
CA LYS B 25 17.43 19.50 7.08
C LYS B 25 16.62 19.06 8.29
N SER B 26 16.89 19.67 9.44
CA SER B 26 16.22 19.28 10.67
C SER B 26 15.66 20.49 11.40
N ASP B 27 14.43 20.33 11.86
CA ASP B 27 13.75 21.32 12.68
C ASP B 27 13.44 20.78 14.07
N VAL B 28 13.92 19.58 14.39
CA VAL B 28 13.54 18.89 15.61
C VAL B 28 14.79 18.46 16.37
N LEU B 29 14.74 18.61 17.67
CA LEU B 29 15.80 18.18 18.56
C LEU B 29 15.55 16.75 19.04
N PRO B 30 16.62 15.98 19.27
CA PRO B 30 16.45 14.58 19.68
C PRO B 30 15.53 14.39 20.88
N ARG B 31 15.49 15.36 21.80
CA ARG B 31 14.58 15.25 22.94
C ARG B 31 13.12 15.33 22.53
N GLU B 32 12.82 15.93 21.37
CA GLU B 32 11.45 16.18 20.96
C GLU B 32 10.92 15.15 19.97
N VAL B 33 11.75 14.27 19.44
CA VAL B 33 11.27 13.31 18.45
C VAL B 33 10.48 12.21 19.17
N SER B 34 9.55 11.60 18.44
CA SER B 34 8.74 10.50 18.94
C SER B 34 9.34 9.18 18.45
N VAL B 35 9.57 8.26 19.39
CA VAL B 35 10.06 6.93 19.03
C VAL B 35 8.98 5.88 19.19
N LYS B 36 7.72 6.28 19.32
CA LYS B 36 6.61 5.34 19.43
C LYS B 36 6.35 4.65 18.09
N THR B 37 5.88 3.42 18.16
CA THR B 37 5.55 2.67 16.95
C THR B 37 4.34 1.78 17.23
N VAL B 38 3.45 1.69 16.25
CA VAL B 38 2.23 0.92 16.36
C VAL B 38 2.43 -0.35 15.55
N LEU B 39 2.46 -1.50 16.22
CA LEU B 39 2.58 -2.76 15.50
C LEU B 39 1.21 -3.28 15.09
N SER B 40 0.22 -3.10 15.95
CA SER B 40 -1.18 -3.28 15.61
C SER B 40 -2.00 -2.39 16.52
N GLU B 41 -3.32 -2.37 16.30
CA GLU B 41 -4.19 -1.55 17.14
C GLU B 41 -4.10 -1.97 18.61
N SER B 42 -3.76 -3.24 18.87
CA SER B 42 -3.68 -3.76 20.22
C SER B 42 -2.25 -3.99 20.69
N LEU B 43 -1.26 -3.46 19.96
CA LEU B 43 0.14 -3.70 20.29
C LEU B 43 0.93 -2.44 19.92
N GLN B 44 0.91 -1.47 20.83
CA GLN B 44 1.55 -0.18 20.63
C GLN B 44 2.74 -0.08 21.58
N LEU B 45 3.93 0.15 21.01
CA LEU B 45 5.18 0.19 21.76
C LEU B 45 5.68 1.62 21.86
N ASN B 46 6.11 2.03 23.05
CA ASN B 46 6.62 3.38 23.19
C ASN B 46 8.08 3.50 22.76
N ILE B 47 8.82 2.40 22.73
CA ILE B 47 10.14 2.37 22.11
C ILE B 47 10.20 1.21 21.13
N PRO B 48 10.93 1.33 20.03
CA PRO B 48 10.86 0.31 18.96
C PRO B 48 11.82 -0.86 19.17
N LEU B 49 11.75 -1.49 20.34
CA LEU B 49 12.71 -2.52 20.75
C LEU B 49 11.98 -3.75 21.24
N ILE B 50 12.35 -4.91 20.71
CA ILE B 50 11.85 -6.21 21.16
C ILE B 50 13.04 -7.07 21.54
N SER B 51 12.99 -7.71 22.71
CA SER B 51 14.04 -8.63 23.11
C SER B 51 13.74 -10.01 22.57
N ALA B 52 14.78 -10.67 22.04
CA ALA B 52 14.59 -11.89 21.25
C ALA B 52 14.03 -13.02 22.10
N GLY B 53 13.24 -13.89 21.45
CA GLY B 53 12.72 -15.07 22.10
C GLY B 53 13.75 -16.18 22.24
N MET B 54 14.78 -15.95 23.04
CA MET B 54 15.87 -16.89 23.20
C MET B 54 16.08 -17.24 24.67
N ASP B 55 16.54 -18.46 24.91
CA ASP B 55 16.65 -18.92 26.30
C ASP B 55 17.79 -18.27 27.06
N THR B 56 18.62 -17.45 26.41
CA THR B 56 19.61 -16.63 27.11
C THR B 56 19.30 -15.16 27.01
N VAL B 57 18.08 -14.78 26.59
CA VAL B 57 17.72 -13.37 26.45
C VAL B 57 16.45 -13.00 27.21
N THR B 58 15.35 -13.75 27.02
CA THR B 58 14.06 -13.29 27.53
C THR B 58 13.30 -14.40 28.25
N GLU B 59 13.20 -14.29 29.57
CA GLU B 59 12.12 -14.91 30.31
C GLU B 59 11.31 -13.80 30.98
N ALA B 60 10.52 -14.14 32.01
CA ALA B 60 9.56 -13.17 32.54
C ALA B 60 10.24 -11.91 33.04
N ASP B 61 11.36 -12.04 33.76
CA ASP B 61 12.01 -10.87 34.34
C ASP B 61 12.45 -9.90 33.25
N MET B 62 13.05 -10.43 32.18
CA MET B 62 13.41 -9.59 31.04
C MET B 62 12.18 -8.96 30.41
N ALA B 63 11.11 -9.73 30.24
CA ALA B 63 9.94 -9.18 29.55
C ALA B 63 9.28 -8.08 30.38
N ILE B 64 9.25 -8.24 31.71
CA ILE B 64 8.76 -7.17 32.56
C ILE B 64 9.62 -5.92 32.40
N ALA B 65 10.94 -6.09 32.43
CA ALA B 65 11.84 -4.95 32.31
C ALA B 65 11.70 -4.28 30.95
N MET B 66 11.60 -5.09 29.88
CA MET B 66 11.40 -4.52 28.55
C MET B 66 10.09 -3.76 28.48
N ALA B 67 9.01 -4.34 28.98
CA ALA B 67 7.71 -3.69 28.91
C ALA B 67 7.70 -2.39 29.71
N ARG B 68 8.39 -2.37 30.86
CA ARG B 68 8.41 -1.17 31.67
C ARG B 68 9.18 -0.05 30.98
N GLN B 69 10.13 -0.38 30.10
CA GLN B 69 10.82 0.63 29.32
C GLN B 69 10.00 1.12 28.13
N GLY B 70 8.90 0.44 27.79
CA GLY B 70 8.13 0.77 26.62
C GLY B 70 8.26 -0.21 25.47
N GLY B 71 8.99 -1.31 25.67
CA GLY B 71 9.24 -2.26 24.61
C GLY B 71 8.51 -3.57 24.83
N LEU B 72 9.07 -4.66 24.30
CA LEU B 72 8.37 -5.94 24.35
C LEU B 72 9.38 -7.07 24.51
N GLY B 73 9.04 -8.04 25.34
CA GLY B 73 9.81 -9.25 25.50
C GLY B 73 9.06 -10.43 24.90
N ILE B 74 9.79 -11.30 24.20
CA ILE B 74 9.24 -12.54 23.67
C ILE B 74 9.77 -13.67 24.54
N ILE B 75 8.89 -14.24 25.38
CA ILE B 75 9.31 -15.38 26.20
C ILE B 75 9.60 -16.57 25.31
N HIS B 76 10.78 -17.16 25.48
CA HIS B 76 11.23 -18.19 24.56
C HIS B 76 10.44 -19.49 24.76
N LYS B 77 10.62 -20.39 23.80
CA LYS B 77 9.81 -21.58 23.63
C LYS B 77 10.40 -22.81 24.35
N ASN B 78 11.65 -22.74 24.79
CA ASN B 78 12.33 -23.89 25.40
C ASN B 78 11.88 -24.04 26.86
N MET B 79 10.59 -24.37 27.02
CA MET B 79 10.01 -24.71 28.31
C MET B 79 8.65 -25.34 28.04
N SER B 80 8.09 -25.95 29.08
CA SER B 80 6.80 -26.61 28.93
C SER B 80 5.70 -25.58 28.66
N ILE B 81 4.55 -26.08 28.21
CA ILE B 81 3.40 -25.21 27.96
C ILE B 81 3.02 -24.47 29.23
N GLU B 82 2.91 -25.21 30.34
N GLU B 82 2.91 -25.21 30.34
CA GLU B 82 2.45 -24.62 31.59
CA GLU B 82 2.45 -24.61 31.58
C GLU B 82 3.46 -23.62 32.14
C GLU B 82 3.46 -23.61 32.13
N GLN B 83 4.76 -23.89 31.95
CA GLN B 83 5.78 -22.94 32.37
C GLN B 83 5.68 -21.65 31.58
N GLN B 84 5.59 -21.75 30.26
CA GLN B 84 5.54 -20.55 29.44
C GLN B 84 4.27 -19.76 29.69
N ALA B 85 3.14 -20.44 29.88
CA ALA B 85 1.90 -19.73 30.18
C ALA B 85 2.00 -19.03 31.52
N GLU B 86 2.65 -19.65 32.51
CA GLU B 86 2.80 -18.99 33.80
C GLU B 86 3.71 -17.78 33.70
N GLN B 87 4.72 -17.84 32.84
CA GLN B 87 5.61 -16.70 32.66
C GLN B 87 4.86 -15.51 32.07
N VAL B 88 4.07 -15.77 31.02
CA VAL B 88 3.21 -14.74 30.46
C VAL B 88 2.30 -14.16 31.53
N ASP B 89 1.70 -15.04 32.36
CA ASP B 89 0.81 -14.55 33.41
C ASP B 89 1.57 -13.71 34.42
N LYS B 90 2.81 -14.09 34.74
CA LYS B 90 3.63 -13.27 35.63
C LYS B 90 3.78 -11.86 35.10
N VAL B 91 4.04 -11.72 33.80
CA VAL B 91 4.21 -10.39 33.22
C VAL B 91 2.88 -9.64 33.22
N LYS B 92 1.80 -10.30 32.79
CA LYS B 92 0.50 -9.63 32.73
C LYS B 92 0.09 -9.12 34.10
N ARG B 93 0.46 -9.85 35.16
CA ARG B 93 0.09 -9.52 36.53
C ARG B 93 0.93 -8.39 37.12
N SER B 94 1.95 -7.93 36.41
CA SER B 94 2.81 -6.84 36.90
C SER B 94 2.39 -5.50 36.33
N GLY B 95 1.13 -5.14 36.52
CA GLY B 95 0.61 -3.89 35.98
C GLY B 95 0.11 -3.98 34.56
N GLY B 96 -0.33 -5.16 34.11
CA GLY B 96 -0.90 -5.30 32.80
C GLY B 96 0.05 -5.07 31.65
N LEU B 97 1.33 -5.40 31.82
CA LEU B 97 2.33 -5.10 30.81
C LEU B 97 2.17 -5.99 29.57
N LEU B 98 2.48 -5.43 28.41
CA LEU B 98 2.48 -6.19 27.16
C LEU B 98 3.53 -7.30 27.21
N VAL B 99 3.25 -8.42 26.55
CA VAL B 99 4.17 -9.55 26.54
C VAL B 99 3.87 -10.41 25.31
N GLY B 100 4.93 -10.97 24.73
CA GLY B 100 4.82 -11.93 23.66
C GLY B 100 5.46 -13.26 24.03
N ALA B 101 5.16 -14.29 23.24
CA ALA B 101 5.69 -15.62 23.51
C ALA B 101 5.93 -16.37 22.21
N ALA B 102 7.01 -17.15 22.16
CA ALA B 102 7.40 -17.90 20.98
C ALA B 102 6.72 -19.26 20.93
N VAL B 103 6.32 -19.66 19.73
CA VAL B 103 5.68 -20.95 19.47
C VAL B 103 6.29 -21.52 18.19
N GLY B 104 6.64 -22.80 18.22
CA GLY B 104 7.17 -23.47 17.04
C GLY B 104 6.05 -24.00 16.15
N VAL B 105 6.44 -24.47 14.96
CA VAL B 105 5.49 -25.04 14.03
C VAL B 105 5.35 -26.53 14.32
N THR B 106 5.64 -26.92 15.55
CA THR B 106 5.47 -28.28 16.01
C THR B 106 4.01 -28.70 15.90
N ALA B 107 3.76 -30.00 16.09
CA ALA B 107 2.41 -30.53 15.95
C ALA B 107 1.51 -30.18 17.13
N ASP B 108 2.09 -29.82 18.28
CA ASP B 108 1.32 -29.39 19.44
C ASP B 108 1.33 -27.88 19.60
N ALA B 109 1.57 -27.15 18.52
CA ALA B 109 1.62 -25.69 18.60
C ALA B 109 0.29 -25.12 19.09
N MET B 110 -0.82 -25.60 18.53
CA MET B 110 -2.13 -25.07 18.93
C MET B 110 -2.38 -25.28 20.41
N THR B 111 -1.90 -26.39 20.97
CA THR B 111 -2.03 -26.59 22.42
C THR B 111 -1.26 -25.51 23.18
N ARG B 112 -0.04 -25.21 22.75
CA ARG B 112 0.73 -24.14 23.38
C ARG B 112 -0.01 -22.82 23.28
N ILE B 113 -0.50 -22.49 22.08
CA ILE B 113 -1.14 -21.21 21.86
C ILE B 113 -2.40 -21.08 22.71
N ASP B 114 -3.16 -22.17 22.85
CA ASP B 114 -4.38 -22.11 23.66
C ASP B 114 -4.06 -21.69 25.09
N ALA B 115 -2.98 -22.24 25.66
CA ALA B 115 -2.62 -21.88 27.03
C ALA B 115 -2.06 -20.47 27.12
N LEU B 116 -1.34 -20.03 26.08
CA LEU B 116 -0.80 -18.67 26.08
C LEU B 116 -1.92 -17.65 25.95
N VAL B 117 -2.92 -17.93 25.13
CA VAL B 117 -4.05 -17.01 24.98
C VAL B 117 -4.83 -16.90 26.28
N LYS B 118 -4.98 -18.02 26.99
CA LYS B 118 -5.66 -17.98 28.27
C LYS B 118 -4.86 -17.25 29.32
N ALA B 119 -3.55 -17.16 29.16
CA ALA B 119 -2.71 -16.31 30.00
C ALA B 119 -2.73 -14.85 29.58
N SER B 120 -3.52 -14.51 28.55
CA SER B 120 -3.66 -13.15 28.03
C SER B 120 -2.36 -12.66 27.39
N VAL B 121 -1.69 -13.54 26.64
CA VAL B 121 -0.54 -13.10 25.86
C VAL B 121 -1.02 -12.09 24.82
N ASP B 122 -0.17 -11.11 24.54
CA ASP B 122 -0.55 -10.07 23.59
C ASP B 122 -0.15 -10.39 22.16
N ALA B 123 0.87 -11.22 21.96
CA ALA B 123 1.26 -11.64 20.63
C ALA B 123 1.98 -12.97 20.73
N ILE B 124 1.74 -13.84 19.75
CA ILE B 124 2.52 -15.06 19.61
C ILE B 124 3.46 -14.87 18.43
N VAL B 125 4.68 -15.35 18.59
CA VAL B 125 5.68 -15.31 17.54
C VAL B 125 5.80 -16.71 16.98
N LEU B 126 5.28 -16.91 15.78
CA LEU B 126 5.50 -18.16 15.07
C LEU B 126 6.93 -18.13 14.56
N ASP B 127 7.82 -18.78 15.30
CA ASP B 127 9.26 -18.71 15.11
C ASP B 127 9.73 -19.94 14.33
N THR B 128 10.37 -19.71 13.19
CA THR B 128 10.98 -20.82 12.46
C THR B 128 12.20 -20.32 11.71
N ALA B 129 13.11 -21.26 11.44
CA ALA B 129 14.32 -20.92 10.70
C ALA B 129 14.00 -20.48 9.29
N HIS B 130 13.00 -21.10 8.65
CA HIS B 130 12.63 -20.81 7.27
C HIS B 130 11.13 -20.51 7.22
N GLY B 131 10.78 -19.22 7.30
CA GLY B 131 9.39 -18.81 7.33
C GLY B 131 8.65 -18.95 6.01
N HIS B 132 9.38 -19.07 4.91
CA HIS B 132 8.75 -19.30 3.63
C HIS B 132 8.39 -20.76 3.39
N SER B 133 8.28 -21.54 4.46
CA SER B 133 7.90 -22.93 4.33
C SER B 133 6.38 -23.06 4.30
N GLN B 134 5.90 -24.07 3.57
CA GLN B 134 4.46 -24.30 3.50
C GLN B 134 3.90 -24.61 4.88
N GLY B 135 4.65 -25.32 5.71
CA GLY B 135 4.17 -25.65 7.04
C GLY B 135 3.99 -24.42 7.92
N VAL B 136 4.81 -23.41 7.71
CA VAL B 136 4.63 -22.18 8.43
C VAL B 136 3.36 -21.46 7.96
N ILE B 137 3.16 -21.39 6.66
CA ILE B 137 1.96 -20.74 6.11
C ILE B 137 0.71 -21.43 6.62
N ASP B 138 0.68 -22.76 6.58
CA ASP B 138 -0.49 -23.50 7.04
C ASP B 138 -0.78 -23.22 8.51
N LYS B 139 0.27 -23.17 9.33
CA LYS B 139 0.07 -22.92 10.75
C LYS B 139 -0.49 -21.53 11.01
N VAL B 140 0.04 -20.51 10.31
CA VAL B 140 -0.48 -19.17 10.44
C VAL B 140 -1.96 -19.14 10.11
N LYS B 141 -2.35 -19.83 9.03
CA LYS B 141 -3.75 -19.88 8.63
C LYS B 141 -4.61 -20.50 9.72
N GLU B 142 -4.13 -21.59 10.32
CA GLU B 142 -4.85 -22.27 11.40
C GLU B 142 -5.07 -21.35 12.59
N VAL B 143 -3.99 -20.72 13.08
CA VAL B 143 -4.09 -19.85 14.24
C VAL B 143 -4.99 -18.67 13.96
N ARG B 144 -4.86 -18.07 12.78
CA ARG B 144 -5.72 -16.95 12.41
C ARG B 144 -7.19 -17.36 12.46
N ALA B 145 -7.50 -18.57 11.96
CA ALA B 145 -8.89 -19.00 11.92
C ALA B 145 -9.45 -19.25 13.32
N LYS B 146 -8.64 -19.79 14.22
CA LYS B 146 -9.12 -20.00 15.58
C LYS B 146 -9.16 -18.71 16.39
N TYR B 147 -8.22 -17.80 16.14
CA TYR B 147 -8.07 -16.58 16.95
C TYR B 147 -8.06 -15.38 16.02
N PRO B 148 -9.24 -14.88 15.65
CA PRO B 148 -9.29 -13.87 14.58
C PRO B 148 -8.66 -12.53 14.94
N SER B 149 -8.44 -12.25 16.22
CA SER B 149 -7.89 -10.97 16.64
C SER B 149 -6.55 -11.07 17.35
N LEU B 150 -6.01 -12.28 17.49
CA LEU B 150 -4.72 -12.45 18.13
C LEU B 150 -3.60 -11.89 17.26
N ASN B 151 -2.69 -11.15 17.88
CA ASN B 151 -1.52 -10.65 17.16
C ASN B 151 -0.60 -11.82 16.84
N ILE B 152 -0.41 -12.08 15.54
CA ILE B 152 0.46 -13.16 15.08
C ILE B 152 1.69 -12.52 14.44
N ILE B 153 2.85 -12.72 15.06
CA ILE B 153 4.14 -12.39 14.45
C ILE B 153 4.70 -13.66 13.83
N ALA B 154 5.00 -13.61 12.53
CA ALA B 154 5.49 -14.78 11.80
C ALA B 154 6.80 -14.47 11.11
N GLY B 155 7.71 -15.44 11.14
CA GLY B 155 8.99 -15.31 10.49
C GLY B 155 9.76 -16.61 10.64
N ASN B 156 11.04 -16.60 10.26
CA ASN B 156 11.72 -15.44 9.69
C ASN B 156 11.78 -15.52 8.19
N VAL B 157 11.81 -14.36 7.53
CA VAL B 157 11.87 -14.28 6.08
C VAL B 157 12.92 -13.24 5.69
N ALA B 158 13.23 -13.22 4.40
CA ALA B 158 14.19 -12.26 3.88
C ALA B 158 13.86 -11.81 2.46
N THR B 159 12.68 -12.15 1.94
CA THR B 159 12.31 -11.78 0.58
C THR B 159 10.89 -11.20 0.55
N ALA B 160 10.63 -10.46 -0.52
CA ALA B 160 9.30 -9.92 -0.75
C ALA B 160 8.26 -11.03 -0.89
N GLU B 161 8.61 -12.11 -1.61
N GLU B 161 8.60 -12.10 -1.63
CA GLU B 161 7.63 -13.17 -1.86
CA GLU B 161 7.62 -13.16 -1.87
C GLU B 161 7.24 -13.87 -0.58
C GLU B 161 7.23 -13.85 -0.57
N ALA B 162 8.21 -14.11 0.31
CA ALA B 162 7.91 -14.74 1.57
C ALA B 162 7.05 -13.84 2.45
N THR B 163 7.35 -12.54 2.44
CA THR B 163 6.58 -11.57 3.21
C THR B 163 5.12 -11.54 2.74
N LYS B 164 4.91 -11.51 1.43
CA LYS B 164 3.55 -11.52 0.90
C LYS B 164 2.81 -12.79 1.31
N ALA B 165 3.49 -13.95 1.26
CA ALA B 165 2.85 -15.20 1.61
C ALA B 165 2.41 -15.22 3.07
N LEU B 166 3.23 -14.73 3.99
CA LEU B 166 2.87 -14.75 5.40
C LEU B 166 1.75 -13.76 5.70
N ILE B 167 1.75 -12.61 5.03
CA ILE B 167 0.67 -11.65 5.23
C ILE B 167 -0.64 -12.23 4.71
N GLU B 168 -0.60 -12.86 3.54
CA GLU B 168 -1.81 -13.45 3.00
C GLU B 168 -2.31 -14.61 3.86
N ALA B 169 -1.40 -15.31 4.54
CA ALA B 169 -1.81 -16.40 5.41
C ALA B 169 -2.48 -15.90 6.69
N GLY B 170 -2.24 -14.65 7.08
CA GLY B 170 -2.93 -14.06 8.22
C GLY B 170 -2.05 -13.39 9.26
N ALA B 171 -0.74 -13.39 9.06
CA ALA B 171 0.15 -12.76 10.02
C ALA B 171 0.05 -11.24 9.90
N ASN B 172 -0.06 -10.55 11.03
CA ASN B 172 -0.16 -9.09 10.96
C ASN B 172 1.15 -8.40 11.31
N VAL B 173 2.21 -9.15 11.63
CA VAL B 173 3.56 -8.63 11.76
C VAL B 173 4.50 -9.67 11.16
N VAL B 174 5.45 -9.22 10.34
CA VAL B 174 6.42 -10.10 9.69
C VAL B 174 7.80 -9.87 10.28
N LYS B 175 8.48 -10.95 10.70
CA LYS B 175 9.81 -10.87 11.27
C LYS B 175 10.85 -11.23 10.22
N VAL B 176 11.84 -10.36 10.04
CA VAL B 176 12.75 -10.38 8.90
C VAL B 176 14.17 -10.65 9.39
N GLY B 177 14.79 -11.67 8.83
CA GLY B 177 16.21 -11.92 9.02
C GLY B 177 16.57 -13.37 8.84
N ILE B 178 17.43 -13.68 7.88
CA ILE B 178 17.93 -15.04 7.69
C ILE B 178 19.45 -14.97 7.78
N GLY B 179 20.00 -15.30 8.94
CA GLY B 179 21.43 -15.40 9.08
C GLY B 179 22.26 -14.26 9.67
N PRO B 180 21.71 -13.06 9.90
CA PRO B 180 22.59 -11.97 10.38
C PRO B 180 22.91 -12.06 11.85
N GLY B 181 22.33 -13.01 12.57
CA GLY B 181 22.48 -13.03 14.01
C GLY B 181 23.94 -13.17 14.43
N SER B 182 24.29 -12.52 15.54
CA SER B 182 25.67 -12.53 16.01
C SER B 182 26.13 -13.94 16.37
N ILE B 183 25.21 -14.80 16.77
CA ILE B 183 25.51 -16.18 17.13
C ILE B 183 25.15 -17.17 16.02
N CYS B 184 24.80 -16.67 14.83
CA CYS B 184 24.22 -17.49 13.79
C CYS B 184 25.27 -18.00 12.82
N THR B 185 25.14 -19.27 12.43
CA THR B 185 26.01 -19.84 11.40
C THR B 185 25.23 -20.36 10.19
N THR B 186 23.94 -20.05 10.09
CA THR B 186 23.12 -20.51 8.97
C THR B 186 23.78 -20.23 7.64
N ARG B 187 24.32 -19.01 7.47
CA ARG B 187 24.93 -18.65 6.19
C ARG B 187 26.24 -19.40 5.96
N VAL B 188 26.91 -19.81 7.03
CA VAL B 188 28.17 -20.52 6.89
C VAL B 188 27.93 -22.01 6.65
N VAL B 189 26.96 -22.61 7.34
CA VAL B 189 26.78 -24.06 7.25
C VAL B 189 25.77 -24.43 6.17
N ALA B 190 24.77 -23.59 5.91
CA ALA B 190 23.80 -23.88 4.88
C ALA B 190 24.02 -23.03 3.62
N GLY B 191 24.80 -21.95 3.73
CA GLY B 191 25.11 -21.09 2.61
C GLY B 191 24.02 -20.12 2.22
N VAL B 192 23.00 -19.95 3.05
CA VAL B 192 21.76 -19.28 2.69
C VAL B 192 21.58 -18.01 3.51
N GLY B 193 21.17 -16.94 2.85
CA GLY B 193 20.85 -15.71 3.57
C GLY B 193 20.74 -14.54 2.63
N VAL B 194 20.33 -13.41 3.20
CA VAL B 194 20.27 -12.13 2.48
C VAL B 194 20.87 -11.07 3.39
N PRO B 195 21.81 -10.25 2.92
CA PRO B 195 22.35 -9.18 3.77
C PRO B 195 21.21 -8.36 4.37
N GLN B 196 21.34 -8.05 5.68
CA GLN B 196 20.14 -7.75 6.47
C GLN B 196 19.47 -6.43 6.07
N LEU B 197 20.24 -5.41 5.68
CA LEU B 197 19.62 -4.14 5.32
C LEU B 197 18.76 -4.30 4.08
N THR B 198 19.30 -5.01 3.08
CA THR B 198 18.53 -5.32 1.88
C THR B 198 17.34 -6.21 2.21
N ALA B 199 17.52 -7.18 3.11
CA ALA B 199 16.39 -8.00 3.53
C ALA B 199 15.27 -7.13 4.08
N VAL B 200 15.60 -6.22 4.99
CA VAL B 200 14.59 -5.36 5.60
C VAL B 200 13.93 -4.49 4.54
N TYR B 201 14.73 -3.89 3.67
CA TYR B 201 14.16 -3.01 2.65
C TYR B 201 13.28 -3.79 1.69
N ASP B 202 13.74 -4.95 1.22
CA ASP B 202 12.94 -5.76 0.30
C ASP B 202 11.63 -6.20 0.94
N CYS B 203 11.68 -6.65 2.21
CA CYS B 203 10.46 -7.11 2.87
C CYS B 203 9.54 -5.95 3.22
N ALA B 204 10.10 -4.83 3.69
CA ALA B 204 9.27 -3.68 3.97
C ALA B 204 8.63 -3.14 2.70
N THR B 205 9.35 -3.19 1.57
CA THR B 205 8.76 -2.77 0.30
C THR B 205 7.47 -3.52 0.02
N GLU B 206 7.47 -4.82 0.27
CA GLU B 206 6.24 -5.60 0.06
C GLU B 206 5.23 -5.35 1.18
N ALA B 207 5.69 -5.35 2.43
CA ALA B 207 4.76 -5.26 3.55
C ALA B 207 4.02 -3.92 3.57
N ARG B 208 4.71 -2.85 3.18
N ARG B 208 4.65 -2.83 3.16
CA ARG B 208 4.11 -1.52 3.07
CA ARG B 208 3.94 -1.57 3.24
C ARG B 208 2.80 -1.56 2.28
C ARG B 208 2.80 -1.48 2.22
N LYS B 209 2.79 -2.34 1.20
CA LYS B 209 1.62 -2.39 0.31
C LYS B 209 0.38 -2.86 1.05
N HIS B 210 0.56 -3.58 2.16
CA HIS B 210 -0.53 -4.11 2.95
C HIS B 210 -0.73 -3.36 4.26
N GLY B 211 0.06 -2.33 4.53
CA GLY B 211 0.01 -1.69 5.82
C GLY B 211 0.56 -2.53 6.95
N ILE B 212 1.42 -3.49 6.65
CA ILE B 212 1.87 -4.48 7.63
C ILE B 212 3.27 -4.09 8.10
N PRO B 213 3.53 -4.06 9.41
CA PRO B 213 4.88 -3.74 9.89
C PRO B 213 5.80 -4.95 9.86
N VAL B 214 7.11 -4.66 9.72
CA VAL B 214 8.12 -5.71 9.79
C VAL B 214 9.08 -5.44 10.94
N ILE B 215 9.63 -6.52 11.47
CA ILE B 215 10.65 -6.49 12.52
C ILE B 215 11.99 -6.80 11.91
N ALA B 216 12.97 -5.93 12.15
CA ALA B 216 14.36 -6.17 11.72
C ALA B 216 15.05 -7.00 12.81
N ASP B 217 15.17 -8.31 12.57
CA ASP B 217 15.62 -9.26 13.58
C ASP B 217 17.04 -9.75 13.25
N GLY B 218 18.01 -9.32 14.05
CA GLY B 218 19.33 -9.91 14.04
C GLY B 218 20.38 -9.00 13.39
N GLY B 219 21.63 -9.13 13.84
CA GLY B 219 22.74 -8.43 13.23
C GLY B 219 23.00 -7.03 13.73
N ILE B 220 22.21 -6.52 14.66
CA ILE B 220 22.42 -5.18 15.19
C ILE B 220 23.43 -5.26 16.33
N LYS B 221 24.57 -4.58 16.16
CA LYS B 221 25.63 -4.61 17.15
C LYS B 221 25.90 -3.26 17.81
N TYR B 222 25.52 -2.16 17.17
CA TYR B 222 25.59 -0.83 17.77
C TYR B 222 24.25 -0.14 17.55
N SER B 223 24.02 0.93 18.34
CA SER B 223 22.73 1.62 18.23
C SER B 223 22.52 2.19 16.83
N GLY B 224 23.60 2.57 16.15
CA GLY B 224 23.44 3.10 14.79
C GLY B 224 22.88 2.09 13.82
N ASP B 225 23.18 0.80 14.04
CA ASP B 225 22.59 -0.25 13.21
C ASP B 225 21.07 -0.26 13.34
N MET B 226 20.55 -0.02 14.55
CA MET B 226 19.10 0.05 14.72
C MET B 226 18.52 1.20 13.93
N VAL B 227 19.18 2.37 13.96
CA VAL B 227 18.69 3.50 13.19
C VAL B 227 18.66 3.17 11.71
N LYS B 228 19.69 2.48 11.20
CA LYS B 228 19.71 2.10 9.80
C LYS B 228 18.59 1.11 9.46
N ALA B 229 18.34 0.14 10.35
CA ALA B 229 17.29 -0.84 10.10
C ALA B 229 15.92 -0.18 10.05
N LEU B 230 15.65 0.76 10.95
CA LEU B 230 14.36 1.45 10.93
C LEU B 230 14.25 2.36 9.72
N ALA B 231 15.34 3.02 9.34
CA ALA B 231 15.30 3.88 8.15
C ALA B 231 15.18 3.07 6.87
N ALA B 232 15.63 1.82 6.88
CA ALA B 232 15.40 0.91 5.75
C ALA B 232 13.97 0.40 5.66
N GLY B 233 13.13 0.66 6.65
CA GLY B 233 11.71 0.37 6.54
C GLY B 233 11.10 -0.46 7.65
N ALA B 234 11.92 -0.93 8.59
CA ALA B 234 11.37 -1.69 9.69
C ALA B 234 10.64 -0.77 10.66
N HIS B 235 9.57 -1.31 11.26
CA HIS B 235 8.88 -0.59 12.34
C HIS B 235 9.63 -0.70 13.66
N VAL B 236 10.19 -1.88 13.94
CA VAL B 236 10.91 -2.15 15.19
C VAL B 236 12.08 -3.07 14.87
N VAL B 237 12.93 -3.25 15.87
CA VAL B 237 14.06 -4.17 15.76
C VAL B 237 13.95 -5.20 16.88
N MET B 238 14.54 -6.37 16.63
CA MET B 238 14.69 -7.42 17.62
C MET B 238 16.17 -7.62 17.90
N LEU B 239 16.54 -7.60 19.17
CA LEU B 239 17.93 -7.68 19.60
C LEU B 239 18.15 -8.93 20.42
N GLY B 240 19.23 -9.66 20.12
CA GLY B 240 19.68 -10.75 20.95
C GLY B 240 20.93 -10.37 21.73
N SER B 241 22.05 -10.21 21.02
CA SER B 241 23.33 -9.99 21.69
C SER B 241 23.34 -8.70 22.52
N MET B 242 22.78 -7.62 21.99
CA MET B 242 22.83 -6.37 22.73
C MET B 242 22.03 -6.42 24.03
N PHE B 243 21.16 -7.42 24.19
CA PHE B 243 20.37 -7.58 25.39
C PHE B 243 20.83 -8.74 26.27
N ALA B 244 21.66 -9.65 25.75
CA ALA B 244 21.97 -10.87 26.47
C ALA B 244 22.81 -10.60 27.71
N GLY B 245 23.52 -9.48 27.75
CA GLY B 245 24.39 -9.24 28.89
C GLY B 245 23.76 -8.49 30.03
N VAL B 246 22.48 -8.14 29.93
CA VAL B 246 21.85 -7.32 30.96
C VAL B 246 21.44 -8.21 32.14
N ALA B 247 21.28 -7.57 33.30
CA ALA B 247 21.00 -8.31 34.53
C ALA B 247 19.70 -9.11 34.43
N GLU B 248 18.68 -8.53 33.80
CA GLU B 248 17.37 -9.18 33.76
C GLU B 248 17.31 -10.35 32.79
N SER B 249 18.33 -10.55 31.97
CA SER B 249 18.34 -11.68 31.06
C SER B 249 18.56 -12.97 31.84
N PRO B 250 18.09 -14.11 31.30
CA PRO B 250 18.30 -15.39 31.98
C PRO B 250 19.76 -15.79 31.94
N GLY B 251 20.08 -16.82 32.72
CA GLY B 251 21.43 -17.31 32.79
C GLY B 251 22.27 -16.49 33.73
N GLU B 252 23.41 -17.05 34.11
CA GLU B 252 24.21 -16.54 35.20
C GLU B 252 25.40 -15.72 34.70
N THR B 253 25.81 -14.75 35.51
CA THR B 253 27.01 -13.97 35.24
C THR B 253 28.23 -14.72 35.75
N GLU B 254 29.23 -14.85 34.89
CA GLU B 254 30.49 -15.52 35.23
C GLU B 254 31.64 -14.55 35.05
N ILE B 255 32.74 -14.84 35.73
CA ILE B 255 33.95 -14.02 35.69
C ILE B 255 34.98 -14.74 34.85
N TYR B 256 35.54 -14.04 33.87
CA TYR B 256 36.61 -14.59 33.05
C TYR B 256 37.69 -13.53 32.87
N GLN B 257 38.93 -13.87 33.21
CA GLN B 257 40.06 -12.94 33.13
C GLN B 257 39.74 -11.62 33.82
N GLY B 258 39.07 -11.71 34.98
CA GLY B 258 38.75 -10.54 35.76
C GLY B 258 37.61 -9.71 35.23
N ARG B 259 36.91 -10.17 34.20
CA ARG B 259 35.77 -9.45 33.62
C ARG B 259 34.51 -10.30 33.71
N GLN B 260 33.37 -9.61 33.76
CA GLN B 260 32.08 -10.27 33.92
C GLN B 260 31.46 -10.58 32.57
N PHE B 261 30.87 -11.77 32.45
CA PHE B 261 30.27 -12.21 31.20
C PHE B 261 28.96 -12.94 31.47
N LYS B 262 28.13 -13.03 30.43
CA LYS B 262 26.93 -13.83 30.49
C LYS B 262 26.89 -14.74 29.28
N VAL B 263 26.35 -15.95 29.48
CA VAL B 263 26.22 -16.90 28.40
C VAL B 263 25.27 -16.34 27.36
N TYR B 264 25.67 -16.44 26.09
CA TYR B 264 24.79 -16.14 24.96
C TYR B 264 25.00 -17.22 23.91
N ARG B 265 23.92 -17.85 23.48
CA ARG B 265 24.01 -18.94 22.52
C ARG B 265 22.83 -18.86 21.57
N GLY B 266 23.04 -19.37 20.36
CA GLY B 266 21.95 -19.45 19.41
C GLY B 266 20.95 -20.53 19.81
N MET B 267 19.68 -20.29 19.50
CA MET B 267 18.67 -21.30 19.77
C MET B 267 18.82 -22.53 18.89
N GLY B 268 19.69 -22.48 17.89
CA GLY B 268 19.98 -23.65 17.07
C GLY B 268 21.36 -24.21 17.34
N SER B 269 21.94 -23.87 18.48
CA SER B 269 23.22 -24.43 18.86
C SER B 269 23.01 -25.76 19.59
N VAL B 270 24.10 -26.53 19.71
CA VAL B 270 24.03 -27.82 20.38
C VAL B 270 23.53 -27.66 21.81
N GLY B 271 24.04 -26.65 22.51
CA GLY B 271 23.62 -26.44 23.89
C GLY B 271 22.15 -26.10 24.02
N ALA B 272 21.64 -25.23 23.12
CA ALA B 272 20.25 -24.83 23.21
C ALA B 272 19.31 -25.95 22.77
N MET B 273 19.75 -26.75 21.82
CA MET B 273 18.94 -27.85 21.32
C MET B 273 18.99 -29.05 22.26
N GLU B 274 20.00 -29.07 23.11
CA GLU B 274 20.20 -30.12 24.09
C GLU B 274 19.03 -30.13 25.06
N LEU B 289 21.63 -32.59 15.48
CA LEU B 289 23.03 -32.98 15.39
C LEU B 289 23.83 -32.00 14.53
N VAL B 290 23.14 -31.26 13.67
CA VAL B 290 23.79 -30.32 12.75
C VAL B 290 23.34 -28.90 13.07
N PRO B 291 24.10 -28.16 13.88
CA PRO B 291 23.63 -26.85 14.36
C PRO B 291 23.82 -25.74 13.34
N GLU B 292 23.00 -24.70 13.52
CA GLU B 292 23.14 -23.45 12.78
C GLU B 292 23.41 -22.28 13.72
N GLY B 293 23.89 -22.57 14.93
CA GLY B 293 24.26 -21.53 15.88
C GLY B 293 25.45 -21.95 16.69
N ILE B 294 26.04 -20.97 17.38
CA ILE B 294 27.19 -21.19 18.24
C ILE B 294 26.81 -20.84 19.68
N GLU B 295 27.72 -21.16 20.59
CA GLU B 295 27.61 -20.79 21.99
C GLU B 295 28.78 -19.90 22.36
N GLY B 296 28.50 -18.85 23.10
CA GLY B 296 29.54 -17.93 23.50
C GLY B 296 29.14 -17.15 24.72
N ARG B 297 29.79 -16.01 24.90
CA ARG B 297 29.49 -15.13 26.01
C ARG B 297 29.66 -13.69 25.58
N VAL B 298 28.92 -12.81 26.24
CA VAL B 298 29.00 -11.38 25.96
C VAL B 298 29.31 -10.68 27.28
N PRO B 299 29.96 -9.53 27.25
CA PRO B 299 30.21 -8.79 28.49
C PRO B 299 28.92 -8.49 29.24
N TYR B 300 28.99 -8.59 30.56
CA TYR B 300 27.89 -8.17 31.42
C TYR B 300 27.70 -6.67 31.31
N LYS B 301 26.45 -6.23 31.23
CA LYS B 301 26.16 -4.82 31.00
C LYS B 301 25.36 -4.16 32.11
N GLY B 302 24.99 -4.88 33.16
CA GLY B 302 24.22 -4.31 34.23
C GLY B 302 22.74 -4.26 33.90
N PRO B 303 22.00 -3.34 34.53
CA PRO B 303 20.55 -3.29 34.35
C PRO B 303 20.15 -2.92 32.93
N LEU B 304 19.03 -3.49 32.49
CA LEU B 304 18.55 -3.28 31.12
C LEU B 304 18.33 -1.79 30.83
N ALA B 305 17.85 -1.04 31.83
CA ALA B 305 17.50 0.37 31.61
C ALA B 305 18.67 1.16 31.01
N ASP B 306 19.89 0.85 31.43
CA ASP B 306 21.05 1.58 30.91
C ASP B 306 21.29 1.27 29.44
N THR B 307 21.13 0.01 29.04
CA THR B 307 21.28 -0.34 27.64
C THR B 307 20.17 0.28 26.80
N VAL B 308 18.93 0.25 27.31
CA VAL B 308 17.82 0.88 26.60
C VAL B 308 18.06 2.38 26.47
N HIS B 309 18.59 3.02 27.51
CA HIS B 309 18.84 4.45 27.44
C HIS B 309 19.81 4.80 26.32
N GLN B 310 20.90 4.05 26.20
CA GLN B 310 21.86 4.32 25.14
C GLN B 310 21.30 4.00 23.76
N LEU B 311 20.53 2.92 23.64
CA LEU B 311 19.95 2.57 22.35
C LEU B 311 18.97 3.64 21.88
N VAL B 312 18.05 4.03 22.77
CA VAL B 312 17.06 5.04 22.39
C VAL B 312 17.74 6.39 22.19
N GLY B 313 18.76 6.68 23.00
CA GLY B 313 19.49 7.92 22.81
C GLY B 313 20.15 8.01 21.45
N GLY B 314 20.77 6.92 21.00
CA GLY B 314 21.33 6.91 19.66
C GLY B 314 20.28 7.08 18.58
N LEU B 315 19.08 6.51 18.80
CA LEU B 315 18.00 6.68 17.85
C LEU B 315 17.53 8.12 17.79
N ARG B 316 17.39 8.78 18.95
CA ARG B 316 16.96 10.17 18.94
C ARG B 316 17.98 11.04 18.23
N ALA B 317 19.27 10.78 18.45
CA ALA B 317 20.29 11.54 17.73
C ALA B 317 20.19 11.30 16.23
N GLY B 318 20.07 10.04 15.84
CA GLY B 318 19.98 9.72 14.41
C GLY B 318 18.76 10.34 13.76
N MET B 319 17.63 10.32 14.46
CA MET B 319 16.43 10.95 13.92
C MET B 319 16.60 12.45 13.81
N GLY B 320 17.24 13.07 14.81
CA GLY B 320 17.52 14.49 14.71
C GLY B 320 18.39 14.83 13.51
N TYR B 321 19.44 14.03 13.28
CA TYR B 321 20.29 14.25 12.11
C TYR B 321 19.52 14.13 10.81
N CYS B 322 18.49 13.28 10.78
CA CYS B 322 17.72 13.04 9.57
C CYS B 322 16.48 13.92 9.47
N GLY B 323 16.26 14.79 10.45
CA GLY B 323 15.09 15.63 10.46
C GLY B 323 13.80 14.86 10.56
N ALA B 324 13.82 13.75 11.27
CA ALA B 324 12.62 12.95 11.42
C ALA B 324 11.96 13.14 12.78
N GLN B 325 10.75 13.69 12.76
CA GLN B 325 9.96 13.88 13.96
C GLN B 325 9.51 12.58 14.57
N ASP B 326 9.18 11.63 13.71
CA ASP B 326 8.68 10.33 14.11
C ASP B 326 9.25 9.25 13.21
N LEU B 327 9.04 8.01 13.58
CA LEU B 327 9.60 6.89 12.83
C LEU B 327 8.97 6.75 11.44
N GLU B 328 7.71 7.15 11.27
CA GLU B 328 7.15 7.11 9.93
C GLU B 328 7.91 8.02 9.00
N PHE B 329 8.31 9.20 9.48
CA PHE B 329 9.08 10.08 8.61
C PHE B 329 10.44 9.48 8.28
N LEU B 330 11.09 8.86 9.26
CA LEU B 330 12.36 8.22 9.02
C LEU B 330 12.21 7.12 7.97
N ARG B 331 11.22 6.24 8.14
CA ARG B 331 11.02 5.15 7.19
C ARG B 331 10.75 5.69 5.78
N GLU B 332 9.96 6.75 5.69
CA GLU B 332 9.50 7.22 4.39
C GLU B 332 10.45 8.23 3.75
N ASN B 333 11.44 8.76 4.46
CA ASN B 333 12.25 9.83 3.88
C ASN B 333 13.75 9.59 3.95
N ALA B 334 14.22 8.87 4.97
CA ALA B 334 15.66 8.78 5.20
C ALA B 334 16.37 8.17 3.99
N GLN B 335 17.50 8.78 3.62
CA GLN B 335 18.32 8.36 2.50
C GLN B 335 19.65 7.82 3.01
N PHE B 336 20.21 6.85 2.27
CA PHE B 336 21.49 6.24 2.61
C PHE B 336 22.53 6.61 1.57
N ILE B 337 23.80 6.47 1.95
CA ILE B 337 24.90 6.55 1.00
C ILE B 337 25.79 5.31 1.20
N ARG B 338 26.12 4.64 0.10
CA ARG B 338 26.91 3.41 0.20
C ARG B 338 28.39 3.74 0.35
N MET B 339 29.11 2.90 1.09
CA MET B 339 30.53 3.14 1.30
C MET B 339 31.29 1.83 1.26
N SER B 340 32.61 1.93 1.14
CA SER B 340 33.51 0.79 1.13
C SER B 340 33.91 0.43 2.55
N GLY B 341 34.76 -0.60 2.68
CA GLY B 341 35.34 -0.92 3.98
C GLY B 341 36.23 0.19 4.50
N ALA B 342 36.85 0.95 3.61
CA ALA B 342 37.58 2.14 4.06
C ALA B 342 36.62 3.16 4.66
N GLY B 343 35.43 3.29 4.07
CA GLY B 343 34.40 4.13 4.68
C GLY B 343 34.04 3.67 6.08
N LEU B 344 33.90 2.36 6.27
CA LEU B 344 33.58 1.82 7.59
C LEU B 344 34.68 2.12 8.60
N LEU B 345 35.94 2.06 8.16
CA LEU B 345 37.05 2.27 9.10
C LEU B 345 37.12 3.74 9.53
N GLU B 346 36.84 4.66 8.61
CA GLU B 346 36.75 6.08 8.95
C GLU B 346 35.57 6.34 9.89
N SER B 347 34.52 5.54 9.77
CA SER B 347 33.30 5.78 10.56
C SER B 347 33.51 5.38 12.02
N HIS B 348 34.25 4.31 12.27
CA HIS B 348 34.61 3.95 13.63
C HIS B 348 35.74 4.85 14.11
N PRO B 349 36.00 4.90 15.41
CA PRO B 349 37.23 5.55 15.86
C PRO B 349 38.42 4.88 15.20
N HIS B 350 39.48 5.67 14.99
CA HIS B 350 40.62 5.19 14.24
C HIS B 350 41.85 6.01 14.61
N HIS B 351 43.01 5.37 14.52
CA HIS B 351 44.29 6.03 14.75
C HIS B 351 44.32 6.76 16.10
N VAL B 352 43.83 6.06 17.12
CA VAL B 352 43.82 6.58 18.47
C VAL B 352 43.71 5.39 19.42
N GLN B 353 44.55 5.35 20.45
CA GLN B 353 44.47 4.30 21.45
C GLN B 353 43.34 4.66 22.41
N ILE B 354 42.26 3.89 22.38
CA ILE B 354 41.11 4.17 23.24
C ILE B 354 41.44 3.76 24.66
N THR B 355 41.20 4.67 25.61
CA THR B 355 41.53 4.41 27.02
C THR B 355 40.31 4.00 27.83
N LYS B 356 39.23 4.79 27.80
CA LYS B 356 38.01 4.45 28.50
C LYS B 356 36.99 3.85 27.54
N GLU B 357 36.17 2.95 28.06
CA GLU B 357 35.10 2.33 27.27
C GLU B 357 33.83 3.16 27.43
N ALA B 358 33.39 3.76 26.32
CA ALA B 358 32.19 4.58 26.34
C ALA B 358 30.95 3.72 26.61
N PRO B 359 29.88 4.32 27.14
CA PRO B 359 28.68 3.54 27.45
C PRO B 359 27.92 3.04 26.23
N ASN B 360 28.34 3.41 25.01
CA ASN B 360 27.69 2.90 23.81
C ASN B 360 28.71 2.55 22.73
N TYR B 361 29.95 2.26 23.11
CA TYR B 361 30.97 1.81 22.16
C TYR B 361 32.05 1.09 22.94
N SER B 362 32.21 -0.21 22.68
CA SER B 362 33.25 -1.00 23.33
C SER B 362 34.64 -0.56 22.88
C2 JQS C . -14.67 14.79 -6.77
C3 JQS C . -13.51 13.66 -8.27
C5 JQS C . -14.36 12.80 -10.94
O3 JQS C . -13.21 10.92 -12.06
C1 JQS C . -15.14 15.54 -5.59
O1 JQS C . -14.32 16.10 -4.84
O2 JQS C . -15.16 13.00 -12.11
C4 JQS C . -15.36 12.89 -9.81
C10 JQS C . -17.69 15.28 -7.82
C6 JQS C . -13.79 11.39 -10.83
C7 JQS C . -15.01 10.61 -10.36
C8 JQS C . -14.69 9.31 -9.65
C9 JQS C . -15.49 14.27 -7.74
N1 JQS C . -13.42 14.40 -7.13
N2 JQS C . -14.80 13.60 -8.64
N3 JQS C . -16.87 14.31 -7.82
N4 JQS C . -17.44 16.59 -7.78
O4 JQS C . -15.95 8.66 -9.39
O5 JQS C . -15.36 6.26 -9.89
O6 JQS C . -15.25 7.16 -7.51
O7 JQS C . -17.50 6.88 -8.61
O8 JQS C . -15.58 11.52 -9.42
O9 JQS C . -16.35 15.50 -5.31
P1 JQS C . -15.99 7.16 -8.83
K K D . -22.18 11.12 -5.42
C1 EDO E . -33.14 8.19 -21.26
O1 EDO E . -32.16 9.01 -20.60
C2 EDO E . -34.43 8.04 -20.45
O2 EDO E . -34.99 9.30 -20.10
C1 PGE F . -4.97 12.24 -35.08
O1 PGE F . -4.53 12.84 -36.30
C2 PGE F . -4.49 13.11 -33.93
O2 PGE F . -5.62 13.59 -33.21
C3 PGE F . -5.68 14.99 -33.08
C4 PGE F . -7.13 15.40 -33.31
O4 PGE F . -10.44 16.33 -34.17
C6 PGE F . -9.59 17.27 -33.52
C5 PGE F . -8.24 17.28 -34.19
O3 PGE F . -7.26 16.80 -33.27
C1 PEG G . -37.59 3.73 -12.70
O1 PEG G . -38.40 3.54 -13.87
C2 PEG G . -36.56 4.83 -12.88
O2 PEG G . -37.24 6.08 -13.10
C3 PEG G . -36.36 7.19 -12.93
C4 PEG G . -37.08 8.47 -13.33
O4 PEG G . -38.09 8.77 -12.36
C1 PEG H . -23.34 -15.84 -23.84
O1 PEG H . -22.80 -17.01 -24.46
C2 PEG H . -22.25 -15.02 -23.20
O2 PEG H . -22.59 -14.79 -21.83
C3 PEG H . -21.97 -15.82 -21.07
C4 PEG H . -21.68 -15.37 -19.66
O4 PEG H . -20.26 -15.50 -19.47
C2 JQS I . 20.05 -18.60 16.10
C3 JQS I . 18.67 -17.20 16.99
C5 JQS I . 17.22 -15.02 15.93
O3 JQS I . 16.37 -13.09 17.13
C1 JQS I . 20.94 -19.76 15.79
O1 JQS I . 20.95 -20.71 16.59
O2 JQS I . 16.43 -14.46 14.88
C4 JQS I . 18.59 -15.33 15.38
C10 JQS I . 20.54 -17.99 13.11
C6 JQS I . 17.47 -13.95 16.97
C7 JQS I . 18.66 -13.25 16.38
C8 JQS I . 19.46 -12.41 17.35
C9 JQS I . 19.89 -17.49 15.30
N1 JQS I . 19.27 -18.40 17.14
N2 JQS I . 19.05 -16.63 15.86
N3 JQS I . 20.54 -17.25 14.13
N4 JQS I . 19.84 -19.11 13.01
O4 JQS I . 20.57 -11.88 16.64
O5 JQS I . 20.88 -9.69 17.83
O6 JQS I . 22.31 -11.53 18.33
O7 JQS I . 22.54 -10.40 16.21
O8 JQS I . 19.44 -14.29 15.86
O9 JQS I . 21.66 -19.78 14.79
P1 JQS I . 21.58 -10.83 17.24
K K J . 25.95 -14.44 11.51
C1 EDO K . 19.61 -2.23 -3.16
O1 EDO K . 20.87 -2.89 -3.26
C2 EDO K . 19.25 -2.05 -1.69
O2 EDO K . 18.89 -3.31 -1.12
C1 PEG L . -6.20 -9.53 13.32
O1 PEG L . -5.45 -9.44 12.11
C2 PEG L . -5.37 -9.01 14.49
O2 PEG L . -5.64 -7.63 14.68
C3 PEG L . -5.39 -7.21 16.02
C4 PEG L . -5.82 -5.75 16.20
O4 PEG L . -7.25 -5.66 16.31
C1 PEG M . 27.36 -5.27 -3.08
O1 PEG M . 28.55 -5.96 -3.44
C2 PEG M . 27.57 -4.46 -1.80
O2 PEG M . 28.39 -3.33 -2.06
C3 PEG M . 28.43 -2.42 -0.96
C4 PEG M . 29.61 -1.48 -1.08
O4 PEG M . 29.34 -0.46 -2.05
#